data_6LKP
#
_entry.id   6LKP
#
_cell.length_a   92.787
_cell.length_b   92.787
_cell.length_c   261.120
_cell.angle_alpha   90.000
_cell.angle_beta   90.000
_cell.angle_gamma   90.000
#
_symmetry.space_group_name_H-M   'P 43 2 2'
#
loop_
_entity.id
_entity.type
_entity.pdbx_description
1 polymer 'DNA protection during starvation protein'
2 non-polymer 'ZINC ION'
3 non-polymer 'FE (III) ION'
#
_entity_poly.entity_id   1
_entity_poly.type   'polypeptide(L)'
_entity_poly.pdbx_seq_one_letter_code
;MAITASPIQTFEQMKDNPIGLEMNVTTAVCEGFNIVLASFQALYLQYQKHHFVVEGSEFYQLHEFFSESYDEVQGHVHEI
GERLNGLGGVPVASFSKLAELCCFTPEPDGVFSCRAMVEHDLSAEQEIIKVIRRQAGQAESLGDRATRHLYEKILLESED
RAFHLSHFLAHDSLTPAFTLASQN
;
_entity_poly.pdbx_strand_id   A,B,C,D,E,F
#
loop_
_chem_comp.id
_chem_comp.type
_chem_comp.name
_chem_comp.formula
FE non-polymer 'FE (III) ION' 'Fe 3'
ZN non-polymer 'ZINC ION' 'Zn 2'
#
# COMPACT_ATOMS: atom_id res chain seq x y z
N PRO A 7 -13.74 11.62 -44.68
CA PRO A 7 -12.61 11.46 -43.76
C PRO A 7 -11.75 12.73 -43.69
N ILE A 8 -11.74 13.40 -42.54
CA ILE A 8 -10.92 14.61 -42.42
C ILE A 8 -9.45 14.26 -42.24
N GLN A 9 -9.15 13.17 -41.53
CA GLN A 9 -7.80 12.62 -41.45
C GLN A 9 -7.84 11.20 -42.01
N THR A 10 -7.21 10.98 -43.15
CA THR A 10 -7.24 9.68 -43.79
C THR A 10 -6.30 8.72 -43.10
N PHE A 11 -6.64 7.43 -43.15
CA PHE A 11 -5.73 6.40 -42.69
C PHE A 11 -4.49 6.37 -43.58
N GLU A 12 -3.32 6.27 -42.95
CA GLU A 12 -1.96 6.36 -43.49
C GLU A 12 -1.55 7.82 -43.61
N GLN A 13 -2.36 8.76 -43.13
CA GLN A 13 -2.01 10.17 -43.03
C GLN A 13 -1.84 10.50 -41.55
N MET A 14 -0.59 10.66 -41.12
CA MET A 14 -0.29 11.02 -39.75
C MET A 14 -0.04 12.53 -39.66
N LYS A 15 -0.46 13.11 -38.55
CA LYS A 15 -0.46 14.56 -38.32
C LYS A 15 0.41 14.88 -37.11
N ASP A 16 0.56 16.18 -36.83
CA ASP A 16 1.47 16.65 -35.80
C ASP A 16 0.98 16.23 -34.42
N ASN A 17 1.95 15.88 -33.53
CA ASN A 17 1.84 15.49 -32.15
C ASN A 17 2.17 16.66 -31.22
N PRO A 18 1.52 16.74 -30.07
CA PRO A 18 1.71 17.91 -29.20
C PRO A 18 2.72 17.68 -28.08
N ILE A 19 3.57 16.67 -28.19
CA ILE A 19 4.51 16.35 -27.13
C ILE A 19 5.97 16.50 -27.56
N GLY A 20 6.22 16.89 -28.81
CA GLY A 20 7.57 17.18 -29.25
C GLY A 20 8.32 16.06 -29.92
N LEU A 21 7.64 15.01 -30.39
CA LEU A 21 8.26 13.99 -31.21
C LEU A 21 8.27 14.42 -32.67
N GLU A 22 9.20 13.84 -33.44
CA GLU A 22 9.23 14.07 -34.88
C GLU A 22 8.56 12.91 -35.60
N MET A 23 7.91 13.23 -36.72
CA MET A 23 7.10 12.25 -37.41
C MET A 23 7.90 11.06 -37.91
N ASN A 24 9.24 11.17 -37.97
CA ASN A 24 10.06 10.01 -38.30
C ASN A 24 9.88 8.89 -37.28
N VAL A 25 9.78 9.23 -36.00
CA VAL A 25 9.57 8.21 -34.97
C VAL A 25 8.09 7.90 -34.80
N THR A 26 7.21 8.91 -34.92
CA THR A 26 5.79 8.66 -34.70
C THR A 26 5.21 7.79 -35.80
N THR A 27 5.66 7.94 -37.04
CA THR A 27 5.18 7.09 -38.12
C THR A 27 5.47 5.62 -37.83
N ALA A 28 6.72 5.32 -37.49
CA ALA A 28 7.11 3.93 -37.22
C ALA A 28 6.40 3.38 -35.99
N VAL A 29 6.36 4.16 -34.89
CA VAL A 29 5.78 3.63 -33.67
C VAL A 29 4.25 3.53 -33.80
N CYS A 30 3.62 4.36 -34.63
CA CYS A 30 2.19 4.22 -34.85
C CYS A 30 1.88 3.04 -35.76
N GLU A 31 2.73 2.76 -36.75
CA GLU A 31 2.58 1.53 -37.51
C GLU A 31 2.67 0.31 -36.60
N GLY A 32 3.71 0.27 -35.75
CA GLY A 32 3.83 -0.84 -34.81
C GLY A 32 2.65 -0.94 -33.87
N PHE A 33 2.22 0.21 -33.32
CA PHE A 33 1.04 0.26 -32.46
C PHE A 33 -0.18 -0.29 -33.18
N ASN A 34 -0.33 0.03 -34.46
CA ASN A 34 -1.52 -0.41 -35.18
C ASN A 34 -1.50 -1.91 -35.44
N ILE A 35 -0.32 -2.48 -35.72
CA ILE A 35 -0.32 -3.93 -35.96
C ILE A 35 -0.50 -4.69 -34.66
N VAL A 36 0.12 -4.22 -33.56
CA VAL A 36 -0.12 -4.93 -32.29
C VAL A 36 -1.56 -4.69 -31.82
N LEU A 37 -2.15 -3.53 -32.14
CA LEU A 37 -3.54 -3.30 -31.84
C LEU A 37 -4.45 -4.24 -32.61
N ALA A 38 -4.15 -4.46 -33.89
CA ALA A 38 -4.95 -5.40 -34.68
C ALA A 38 -4.82 -6.82 -34.15
N SER A 39 -3.59 -7.23 -33.82
CA SER A 39 -3.38 -8.56 -33.25
C SER A 39 -4.14 -8.72 -31.94
N PHE A 40 -4.12 -7.69 -31.08
CA PHE A 40 -4.82 -7.77 -29.80
C PHE A 40 -6.33 -7.68 -29.99
N GLN A 41 -6.79 -6.99 -31.02
CA GLN A 41 -8.23 -6.93 -31.28
C GLN A 41 -8.74 -8.27 -31.80
N ALA A 42 -7.91 -9.00 -32.55
CA ALA A 42 -8.28 -10.36 -32.93
C ALA A 42 -8.17 -11.30 -31.75
N LEU A 43 -7.17 -11.10 -30.88
CA LEU A 43 -7.01 -11.93 -29.69
C LEU A 43 -8.17 -11.74 -28.72
N TYR A 44 -8.66 -10.51 -28.59
CA TYR A 44 -9.82 -10.24 -27.76
C TYR A 44 -11.03 -11.02 -28.24
N LEU A 45 -11.28 -10.99 -29.55
CA LEU A 45 -12.42 -11.71 -30.10
C LEU A 45 -12.25 -13.21 -30.00
N GLN A 46 -11.03 -13.73 -30.14
CA GLN A 46 -10.83 -15.17 -30.03
C GLN A 46 -10.99 -15.64 -28.58
N TYR A 47 -10.41 -14.91 -27.63
CA TYR A 47 -10.62 -15.20 -26.21
C TYR A 47 -12.10 -15.13 -25.86
N GLN A 48 -12.82 -14.16 -26.40
CA GLN A 48 -14.25 -14.02 -26.14
C GLN A 48 -15.05 -15.18 -26.72
N LYS A 49 -14.71 -15.57 -27.95
CA LYS A 49 -15.32 -16.76 -28.55
C LYS A 49 -15.08 -18.00 -27.70
N HIS A 50 -13.87 -18.10 -27.12
CA HIS A 50 -13.57 -19.24 -26.26
C HIS A 50 -14.37 -19.19 -24.96
N HIS A 51 -14.60 -17.97 -24.47
CA HIS A 51 -15.44 -17.80 -23.25
C HIS A 51 -16.86 -18.26 -23.61
N PHE A 52 -17.26 -18.05 -24.88
CA PHE A 52 -18.60 -18.47 -25.31
C PHE A 52 -18.71 -19.99 -25.41
N VAL A 53 -17.85 -20.62 -26.21
CA VAL A 53 -18.13 -21.96 -26.71
C VAL A 53 -17.40 -23.07 -25.96
N VAL A 54 -16.56 -22.74 -24.98
CA VAL A 54 -15.80 -23.78 -24.30
C VAL A 54 -16.74 -24.67 -23.49
N GLU A 55 -16.44 -25.97 -23.46
CA GLU A 55 -17.17 -26.91 -22.64
C GLU A 55 -16.23 -28.06 -22.29
N GLY A 56 -16.68 -28.94 -21.39
CA GLY A 56 -15.94 -30.12 -21.04
C GLY A 56 -15.87 -30.31 -19.54
N SER A 57 -14.91 -31.17 -19.13
CA SER A 57 -14.73 -31.47 -17.72
C SER A 57 -14.05 -30.34 -16.96
N GLU A 58 -13.17 -29.60 -17.64
CA GLU A 58 -12.54 -28.41 -17.08
C GLU A 58 -13.19 -27.13 -17.60
N PHE A 59 -14.50 -27.19 -17.89
CA PHE A 59 -15.22 -26.09 -18.52
C PHE A 59 -15.17 -24.81 -17.68
N TYR A 60 -15.24 -24.93 -16.36
CA TYR A 60 -15.37 -23.77 -15.49
C TYR A 60 -14.10 -22.93 -15.44
N GLN A 61 -12.96 -23.60 -15.18
CA GLN A 61 -11.67 -22.93 -15.11
C GLN A 61 -11.42 -22.10 -16.35
N LEU A 62 -11.60 -22.70 -17.53
CA LEU A 62 -11.29 -22.00 -18.77
C LEU A 62 -12.37 -20.98 -19.14
N HIS A 63 -13.63 -21.22 -18.75
CA HIS A 63 -14.63 -20.15 -18.81
C HIS A 63 -14.07 -18.86 -18.23
N GLU A 64 -13.70 -18.92 -16.94
CA GLU A 64 -13.28 -17.68 -16.28
C GLU A 64 -11.89 -17.22 -16.73
N PHE A 65 -10.99 -18.15 -17.06
CA PHE A 65 -9.68 -17.75 -17.56
C PHE A 65 -9.80 -16.98 -18.87
N PHE A 66 -10.62 -17.50 -19.80
CA PHE A 66 -10.78 -16.84 -21.08
C PHE A 66 -11.43 -15.47 -20.91
N SER A 67 -12.42 -15.34 -20.01
CA SER A 67 -12.99 -14.02 -19.80
C SER A 67 -11.97 -13.03 -19.25
N GLU A 68 -11.21 -13.44 -18.22
CA GLU A 68 -10.23 -12.52 -17.63
C GLU A 68 -9.16 -12.15 -18.65
N SER A 69 -8.73 -13.10 -19.48
CA SER A 69 -7.72 -12.80 -20.48
C SER A 69 -8.26 -11.87 -21.55
N TYR A 70 -9.51 -12.04 -21.97
CA TYR A 70 -10.01 -11.16 -23.02
C TYR A 70 -10.19 -9.74 -22.52
N ASP A 71 -10.57 -9.55 -21.25
CA ASP A 71 -10.65 -8.17 -20.81
C ASP A 71 -9.27 -7.57 -20.54
N GLU A 72 -8.28 -8.37 -20.14
CA GLU A 72 -6.92 -7.86 -20.07
C GLU A 72 -6.43 -7.40 -21.44
N VAL A 73 -6.65 -8.23 -22.46
CA VAL A 73 -6.22 -7.90 -23.82
C VAL A 73 -6.91 -6.62 -24.29
N GLN A 74 -8.20 -6.48 -24.01
CA GLN A 74 -8.90 -5.30 -24.47
C GLN A 74 -8.51 -4.05 -23.65
N GLY A 75 -8.01 -4.21 -22.44
CA GLY A 75 -7.41 -3.07 -21.75
C GLY A 75 -6.12 -2.62 -22.42
N HIS A 76 -5.28 -3.59 -22.82
CA HIS A 76 -4.16 -3.29 -23.70
C HIS A 76 -4.63 -2.48 -24.90
N VAL A 77 -5.77 -2.87 -25.47
CA VAL A 77 -6.30 -2.19 -26.66
C VAL A 77 -6.55 -0.71 -26.36
N HIS A 78 -7.19 -0.41 -25.22
CA HIS A 78 -7.46 1.00 -24.94
C HIS A 78 -6.18 1.79 -24.75
N GLU A 79 -5.24 1.24 -23.99
CA GLU A 79 -3.97 1.94 -23.80
C GLU A 79 -3.33 2.28 -25.14
N ILE A 80 -3.20 1.27 -26.00
CA ILE A 80 -2.51 1.45 -27.27
C ILE A 80 -3.25 2.44 -28.15
N GLY A 81 -4.58 2.34 -28.22
CA GLY A 81 -5.33 3.23 -29.10
C GLY A 81 -5.28 4.69 -28.65
N GLU A 82 -5.50 4.92 -27.36
CA GLU A 82 -5.46 6.29 -26.85
C GLU A 82 -4.08 6.91 -27.09
N ARG A 83 -3.01 6.16 -26.79
CA ARG A 83 -1.68 6.69 -27.03
C ARG A 83 -1.43 6.94 -28.52
N LEU A 84 -1.87 6.01 -29.38
CA LEU A 84 -1.65 6.13 -30.81
C LEU A 84 -2.27 7.41 -31.35
N ASN A 85 -3.56 7.62 -31.07
CA ASN A 85 -4.18 8.86 -31.56
C ASN A 85 -3.54 10.08 -30.91
N GLY A 86 -3.06 9.94 -29.67
CA GLY A 86 -2.28 11.03 -29.08
C GLY A 86 -1.06 11.38 -29.92
N LEU A 87 -0.44 10.38 -30.54
CA LEU A 87 0.75 10.57 -31.37
C LEU A 87 0.42 10.80 -32.84
N GLY A 88 -0.71 11.43 -33.15
CA GLY A 88 -0.99 11.85 -34.51
C GLY A 88 -1.67 10.83 -35.40
N GLY A 89 -1.36 9.55 -35.21
CA GLY A 89 -1.86 8.53 -36.11
C GLY A 89 -3.35 8.26 -35.93
N VAL A 90 -3.82 7.24 -36.65
CA VAL A 90 -5.20 6.79 -36.53
C VAL A 90 -5.21 5.28 -36.27
N PRO A 91 -6.04 4.79 -35.35
CA PRO A 91 -6.06 3.36 -35.06
C PRO A 91 -6.90 2.59 -36.06
N VAL A 92 -6.59 1.30 -36.17
CA VAL A 92 -7.32 0.41 -37.05
C VAL A 92 -8.68 0.09 -36.43
N ALA A 93 -9.72 0.10 -37.28
CA ALA A 93 -11.10 -0.18 -36.82
C ALA A 93 -11.83 -1.00 -37.89
N SER A 94 -11.44 -0.83 -39.16
CA SER A 94 -12.07 -1.57 -40.29
C SER A 94 -11.83 -3.07 -40.13
N PHE A 95 -12.81 -3.89 -40.50
CA PHE A 95 -12.69 -5.37 -40.39
C PHE A 95 -11.53 -5.85 -41.26
N SER A 96 -11.52 -5.46 -42.54
CA SER A 96 -10.45 -5.86 -43.49
C SER A 96 -9.08 -5.37 -42.98
N LYS A 97 -9.03 -4.14 -42.49
CA LYS A 97 -7.76 -3.55 -41.97
C LYS A 97 -7.15 -4.50 -40.93
N LEU A 98 -7.84 -4.73 -39.80
CA LEU A 98 -7.38 -5.72 -38.80
C LEU A 98 -7.04 -7.03 -39.50
N ALA A 99 -7.88 -7.50 -40.44
CA ALA A 99 -7.60 -8.76 -41.17
C ALA A 99 -6.19 -8.70 -41.75
N GLU A 100 -5.92 -7.74 -42.65
CA GLU A 100 -4.59 -7.41 -43.14
C GLU A 100 -3.54 -7.53 -42.04
N LEU A 101 -3.60 -6.58 -41.10
CA LEU A 101 -2.55 -6.34 -40.12
C LEU A 101 -2.56 -7.26 -38.91
N CYS A 102 -3.13 -8.46 -39.03
CA CYS A 102 -3.07 -9.41 -37.93
C CYS A 102 -1.72 -10.14 -37.95
N CYS A 103 -1.00 -10.11 -36.83
CA CYS A 103 0.33 -10.72 -36.79
C CYS A 103 0.27 -12.24 -36.83
N PHE A 104 -0.81 -12.82 -36.33
CA PHE A 104 -0.99 -14.27 -36.31
C PHE A 104 -2.17 -14.64 -37.20
N THR A 105 -2.37 -15.95 -37.38
CA THR A 105 -3.52 -16.45 -38.11
C THR A 105 -4.66 -16.69 -37.14
N PRO A 106 -5.78 -15.97 -37.25
CA PRO A 106 -6.90 -16.23 -36.35
C PRO A 106 -7.43 -17.64 -36.52
N GLU A 107 -8.02 -18.15 -35.46
CA GLU A 107 -8.54 -19.51 -35.48
C GLU A 107 -9.64 -19.62 -36.54
N PRO A 108 -9.63 -20.66 -37.38
CA PRO A 108 -10.75 -20.88 -38.28
C PRO A 108 -12.03 -21.10 -37.50
N ASP A 109 -13.17 -21.02 -38.20
CA ASP A 109 -14.44 -20.90 -37.52
C ASP A 109 -15.04 -22.25 -37.18
N GLY A 110 -15.88 -22.24 -36.18
CA GLY A 110 -16.43 -23.41 -35.54
C GLY A 110 -15.79 -23.66 -34.19
N VAL A 111 -16.43 -24.52 -33.43
CA VAL A 111 -15.91 -24.89 -32.12
C VAL A 111 -14.84 -25.95 -32.31
N PHE A 112 -13.74 -25.81 -31.57
CA PHE A 112 -12.65 -26.77 -31.55
C PHE A 112 -12.57 -27.40 -30.16
N SER A 113 -11.76 -28.44 -30.05
CA SER A 113 -11.49 -29.00 -28.74
C SER A 113 -10.83 -27.95 -27.86
N CYS A 114 -11.10 -28.03 -26.55
CA CYS A 114 -10.59 -27.02 -25.63
C CYS A 114 -9.07 -26.96 -25.65
N ARG A 115 -8.41 -28.11 -25.78
CA ARG A 115 -6.95 -28.13 -25.85
C ARG A 115 -6.44 -27.39 -27.09
N ALA A 116 -7.07 -27.65 -28.24
CA ALA A 116 -6.68 -26.95 -29.46
C ALA A 116 -6.91 -25.45 -29.33
N MET A 117 -7.97 -25.06 -28.62
CA MET A 117 -8.24 -23.63 -28.42
C MET A 117 -7.18 -22.99 -27.54
N VAL A 118 -6.78 -23.67 -26.46
CA VAL A 118 -5.71 -23.17 -25.61
C VAL A 118 -4.42 -23.03 -26.42
N GLU A 119 -4.14 -24.00 -27.29
CA GLU A 119 -2.91 -23.93 -28.08
C GLU A 119 -2.95 -22.80 -29.10
N HIS A 120 -4.11 -22.58 -29.74
CA HIS A 120 -4.26 -21.45 -30.65
C HIS A 120 -4.03 -20.13 -29.92
N ASP A 121 -4.63 -19.99 -28.73
CA ASP A 121 -4.43 -18.78 -27.95
C ASP A 121 -2.97 -18.60 -27.57
N LEU A 122 -2.29 -19.69 -27.20
CA LEU A 122 -0.87 -19.59 -26.85
C LEU A 122 -0.03 -19.14 -28.03
N SER A 123 -0.30 -19.66 -29.23
CA SER A 123 0.48 -19.26 -30.39
C SER A 123 0.22 -17.79 -30.75
N ALA A 124 -1.04 -17.36 -30.70
CA ALA A 124 -1.36 -15.96 -30.90
C ALA A 124 -0.60 -15.08 -29.91
N GLU A 125 -0.67 -15.44 -28.63
CA GLU A 125 0.09 -14.73 -27.61
C GLU A 125 1.56 -14.64 -27.97
N GLN A 126 2.16 -15.76 -28.38
CA GLN A 126 3.62 -15.80 -28.57
C GLN A 126 4.07 -14.92 -29.73
N GLU A 127 3.32 -14.92 -30.83
CA GLU A 127 3.73 -14.04 -31.94
C GLU A 127 3.43 -12.58 -31.63
N ILE A 128 2.42 -12.30 -30.81
CA ILE A 128 2.30 -10.93 -30.29
C ILE A 128 3.46 -10.61 -29.37
N ILE A 129 3.97 -11.60 -28.62
CA ILE A 129 5.18 -11.41 -27.82
C ILE A 129 6.32 -10.93 -28.72
N LYS A 130 6.54 -11.64 -29.83
CA LYS A 130 7.65 -11.31 -30.72
C LYS A 130 7.49 -9.90 -31.31
N VAL A 131 6.28 -9.58 -31.79
CA VAL A 131 6.03 -8.26 -32.36
C VAL A 131 6.24 -7.17 -31.31
N ILE A 132 5.78 -7.41 -30.08
CA ILE A 132 5.92 -6.43 -29.02
C ILE A 132 7.38 -6.20 -28.68
N ARG A 133 8.18 -7.27 -28.63
CA ARG A 133 9.60 -7.09 -28.32
C ARG A 133 10.32 -6.35 -29.42
N ARG A 134 10.02 -6.65 -30.68
CA ARG A 134 10.65 -5.94 -31.78
C ARG A 134 10.25 -4.46 -31.77
N GLN A 135 8.98 -4.17 -31.50
CA GLN A 135 8.54 -2.77 -31.44
C GLN A 135 9.12 -2.05 -30.24
N ALA A 136 9.34 -2.76 -29.12
CA ALA A 136 9.98 -2.14 -27.97
C ALA A 136 11.43 -1.79 -28.27
N GLY A 137 12.16 -2.69 -28.92
CA GLY A 137 13.50 -2.36 -29.37
C GLY A 137 13.51 -1.18 -30.31
N GLN A 138 12.56 -1.14 -31.26
CA GLN A 138 12.43 0.00 -32.16
C GLN A 138 12.25 1.28 -31.38
N ALA A 139 11.23 1.33 -30.51
CA ALA A 139 10.93 2.54 -29.75
C ALA A 139 12.09 2.97 -28.88
N GLU A 140 12.86 2.02 -28.34
CA GLU A 140 14.02 2.39 -27.53
C GLU A 140 15.11 3.02 -28.38
N SER A 141 15.42 2.39 -29.53
CA SER A 141 16.50 2.91 -30.37
C SER A 141 16.19 4.33 -30.84
N LEU A 142 14.93 4.63 -31.14
CA LEU A 142 14.54 5.94 -31.63
C LEU A 142 14.24 6.93 -30.51
N GLY A 143 14.40 6.54 -29.25
CA GLY A 143 14.32 7.48 -28.15
C GLY A 143 12.94 7.69 -27.57
N ASP A 144 11.97 6.82 -27.84
CA ASP A 144 10.63 6.94 -27.30
C ASP A 144 10.52 6.02 -26.09
N ARG A 145 10.71 6.61 -24.90
CA ARG A 145 10.78 5.83 -23.67
C ARG A 145 9.41 5.38 -23.18
N ALA A 146 8.40 6.24 -23.28
CA ALA A 146 7.09 5.92 -22.71
C ALA A 146 6.42 4.79 -23.48
N THR A 147 6.51 4.84 -24.82
CA THR A 147 6.01 3.75 -25.65
C THR A 147 6.65 2.43 -25.25
N ARG A 148 7.98 2.43 -25.10
CA ARG A 148 8.71 1.23 -24.74
C ARG A 148 8.33 0.73 -23.35
N HIS A 149 8.05 1.66 -22.42
CA HIS A 149 7.68 1.29 -21.06
C HIS A 149 6.30 0.62 -21.02
N LEU A 150 5.32 1.23 -21.68
CA LEU A 150 4.00 0.60 -21.80
C LEU A 150 4.12 -0.76 -22.48
N TYR A 151 4.88 -0.82 -23.59
CA TYR A 151 5.15 -2.07 -24.27
C TYR A 151 5.69 -3.11 -23.30
N GLU A 152 6.56 -2.68 -22.38
CA GLU A 152 7.19 -3.61 -21.45
C GLU A 152 6.18 -4.21 -20.48
N LYS A 153 5.25 -3.40 -19.97
CA LYS A 153 4.29 -4.05 -19.06
C LYS A 153 3.23 -4.85 -19.80
N ILE A 154 2.87 -4.44 -21.03
CA ILE A 154 2.07 -5.32 -21.89
C ILE A 154 2.77 -6.66 -22.04
N LEU A 155 4.08 -6.61 -22.29
CA LEU A 155 4.89 -7.81 -22.41
C LEU A 155 4.84 -8.63 -21.14
N LEU A 156 4.96 -7.98 -19.98
CA LEU A 156 4.97 -8.70 -18.71
C LEU A 156 3.66 -9.46 -18.51
N GLU A 157 2.53 -8.77 -18.65
CA GLU A 157 1.26 -9.44 -18.37
C GLU A 157 0.91 -10.47 -19.44
N SER A 158 1.28 -10.23 -20.70
CA SER A 158 1.01 -11.25 -21.72
C SER A 158 1.94 -12.45 -21.58
N GLU A 159 3.17 -12.25 -21.10
CA GLU A 159 4.03 -13.38 -20.77
C GLU A 159 3.43 -14.19 -19.63
N ASP A 160 2.84 -13.51 -18.63
CA ASP A 160 2.13 -14.23 -17.57
C ASP A 160 0.96 -15.03 -18.13
N ARG A 161 0.22 -14.44 -19.08
CA ARG A 161 -0.90 -15.14 -19.68
C ARG A 161 -0.43 -16.37 -20.45
N ALA A 162 0.67 -16.25 -21.18
CA ALA A 162 1.23 -17.41 -21.88
C ALA A 162 1.69 -18.48 -20.89
N PHE A 163 2.29 -18.05 -19.78
CA PHE A 163 2.63 -18.98 -18.70
C PHE A 163 1.40 -19.78 -18.28
N HIS A 164 0.30 -19.09 -17.99
CA HIS A 164 -0.90 -19.76 -17.51
C HIS A 164 -1.47 -20.70 -18.57
N LEU A 165 -1.41 -20.30 -19.84
CA LEU A 165 -1.92 -21.15 -20.91
C LEU A 165 -1.11 -22.46 -21.01
N SER A 166 0.22 -22.33 -21.07
CA SER A 166 1.04 -23.55 -21.15
C SER A 166 0.89 -24.40 -19.90
N HIS A 167 0.66 -23.76 -18.74
CA HIS A 167 0.31 -24.51 -17.54
C HIS A 167 -0.96 -25.32 -17.76
N PHE A 168 -1.96 -24.72 -18.40
CA PHE A 168 -3.14 -25.48 -18.81
C PHE A 168 -2.76 -26.66 -19.69
N LEU A 169 -1.72 -26.52 -20.51
CA LEU A 169 -1.38 -27.54 -21.49
C LEU A 169 -0.51 -28.67 -20.95
N ALA A 170 -0.12 -28.65 -19.68
CA ALA A 170 0.80 -29.65 -19.16
C ALA A 170 0.14 -31.04 -19.12
N HIS A 171 0.96 -32.07 -19.35
CA HIS A 171 0.50 -33.45 -19.30
C HIS A 171 0.59 -33.97 -17.86
N ASP A 172 -0.34 -33.48 -17.03
CA ASP A 172 -0.39 -33.82 -15.62
C ASP A 172 -1.80 -33.53 -15.12
N SER A 173 -2.20 -34.27 -14.08
CA SER A 173 -3.53 -34.12 -13.51
C SER A 173 -3.66 -35.04 -12.31
N LEU A 174 -4.75 -34.86 -11.55
CA LEU A 174 -5.17 -35.83 -10.57
C LEU A 174 -5.73 -37.09 -11.21
N THR A 175 -5.97 -37.07 -12.52
CA THR A 175 -6.33 -38.25 -13.29
C THR A 175 -5.08 -38.90 -13.85
N PRO A 176 -5.19 -40.12 -14.36
CA PRO A 176 -4.08 -40.71 -15.12
C PRO A 176 -3.98 -40.10 -16.52
N ALA A 177 -2.76 -39.86 -16.95
CA ALA A 177 -2.50 -39.34 -18.30
C ALA A 177 -1.22 -39.95 -18.87
N THR B 10 16.94 -13.15 23.47
CA THR B 10 17.56 -14.46 23.32
C THR B 10 16.55 -15.53 22.97
N PHE B 11 17.06 -16.72 22.67
CA PHE B 11 16.28 -17.94 22.61
C PHE B 11 16.46 -18.70 23.93
N GLU B 12 15.58 -19.68 24.15
CA GLU B 12 15.64 -20.52 25.34
C GLU B 12 15.56 -19.69 26.63
N GLN B 13 14.65 -18.72 26.63
CA GLN B 13 14.45 -17.86 27.80
C GLN B 13 13.01 -17.36 27.80
N MET B 14 12.52 -17.00 28.99
CA MET B 14 11.18 -16.45 29.16
C MET B 14 11.23 -15.26 30.08
N LYS B 15 10.41 -14.24 29.80
CA LYS B 15 10.31 -13.09 30.73
C LYS B 15 9.01 -13.23 31.52
N ASP B 16 8.48 -12.13 32.07
CA ASP B 16 7.27 -12.14 32.89
C ASP B 16 6.01 -12.16 32.03
N ASN B 17 4.87 -11.83 32.65
CA ASN B 17 3.57 -11.97 32.03
C ASN B 17 2.64 -10.88 32.55
N PRO B 18 1.89 -10.22 31.70
CA PRO B 18 0.95 -9.18 32.17
C PRO B 18 -0.49 -9.65 32.38
N ILE B 19 -0.78 -10.95 32.31
CA ILE B 19 -2.15 -11.44 32.47
C ILE B 19 -2.31 -12.37 33.67
N GLY B 20 -1.25 -12.68 34.39
CA GLY B 20 -1.36 -13.37 35.66
C GLY B 20 -1.22 -14.89 35.64
N LEU B 21 -0.60 -15.45 34.60
CA LEU B 21 -0.28 -16.87 34.57
C LEU B 21 1.13 -17.10 35.12
N GLU B 22 1.32 -18.26 35.74
CA GLU B 22 2.63 -18.61 36.28
C GLU B 22 3.51 -19.21 35.20
N MET B 23 4.83 -19.10 35.41
CA MET B 23 5.76 -19.55 34.38
C MET B 23 5.72 -21.06 34.17
N ASN B 24 5.28 -21.82 35.17
CA ASN B 24 5.03 -23.25 34.99
C ASN B 24 4.12 -23.52 33.80
N VAL B 25 3.17 -22.62 33.54
CA VAL B 25 2.24 -22.79 32.45
C VAL B 25 2.69 -22.03 31.20
N THR B 26 3.30 -20.85 31.35
CA THR B 26 3.67 -20.08 30.18
C THR B 26 4.84 -20.71 29.43
N THR B 27 5.85 -21.20 30.15
CA THR B 27 6.95 -21.90 29.49
C THR B 27 6.42 -23.08 28.68
N ALA B 28 5.59 -23.91 29.32
CA ALA B 28 5.13 -25.14 28.70
C ALA B 28 4.25 -24.86 27.49
N VAL B 29 3.38 -23.86 27.57
CA VAL B 29 2.52 -23.57 26.42
C VAL B 29 3.28 -22.79 25.34
N CYS B 30 4.29 -22.01 25.71
CA CYS B 30 5.05 -21.24 24.73
C CYS B 30 5.96 -22.13 23.91
N GLU B 31 6.52 -23.17 24.52
CA GLU B 31 7.26 -24.16 23.74
C GLU B 31 6.37 -24.77 22.65
N GLY B 32 5.13 -25.15 22.98
CA GLY B 32 4.25 -25.70 21.97
C GLY B 32 3.82 -24.68 20.94
N PHE B 33 3.75 -23.42 21.34
CA PHE B 33 3.42 -22.38 20.35
C PHE B 33 4.58 -22.36 19.35
N ASN B 34 5.80 -22.39 19.87
CA ASN B 34 6.94 -22.34 18.97
C ASN B 34 6.93 -23.51 18.00
N ILE B 35 6.63 -24.71 18.50
CA ILE B 35 6.61 -25.88 17.62
C ILE B 35 5.54 -25.70 16.53
N VAL B 36 4.33 -25.31 16.93
CA VAL B 36 3.24 -25.17 15.99
C VAL B 36 3.52 -24.04 15.00
N LEU B 37 4.15 -22.96 15.47
CA LEU B 37 4.53 -21.87 14.58
C LEU B 37 5.56 -22.32 13.55
N ALA B 38 6.53 -23.11 13.98
CA ALA B 38 7.56 -23.59 13.05
C ALA B 38 6.93 -24.47 11.97
N SER B 39 6.11 -25.43 12.38
CA SER B 39 5.47 -26.30 11.40
C SER B 39 4.52 -25.53 10.50
N PHE B 40 3.84 -24.51 11.03
CA PHE B 40 2.94 -23.71 10.21
C PHE B 40 3.72 -22.86 9.21
N GLN B 41 4.90 -22.37 9.60
CA GLN B 41 5.74 -21.63 8.66
C GLN B 41 6.21 -22.54 7.53
N ALA B 42 6.62 -23.76 7.87
CA ALA B 42 6.98 -24.72 6.83
C ALA B 42 5.81 -25.00 5.90
N LEU B 43 4.62 -25.21 6.46
CA LEU B 43 3.43 -25.46 5.64
C LEU B 43 3.09 -24.25 4.77
N TYR B 44 3.30 -23.03 5.27
CA TYR B 44 3.07 -21.84 4.47
C TYR B 44 4.02 -21.79 3.29
N LEU B 45 5.31 -22.01 3.55
CA LEU B 45 6.29 -22.03 2.46
C LEU B 45 5.94 -23.09 1.43
N GLN B 46 5.48 -24.25 1.88
CA GLN B 46 5.13 -25.36 0.95
C GLN B 46 3.89 -24.99 0.14
N TYR B 47 2.84 -24.50 0.78
CA TYR B 47 1.64 -24.09 0.04
C TYR B 47 1.99 -23.02 -0.98
N GLN B 48 2.91 -22.11 -0.62
CA GLN B 48 3.34 -21.08 -1.57
C GLN B 48 4.10 -21.68 -2.74
N LYS B 49 5.01 -22.62 -2.46
CA LYS B 49 5.73 -23.32 -3.52
C LYS B 49 4.75 -24.06 -4.43
N HIS B 50 3.71 -24.66 -3.85
CA HIS B 50 2.72 -25.37 -4.65
C HIS B 50 1.92 -24.43 -5.52
N HIS B 51 1.52 -23.28 -4.97
CA HIS B 51 0.86 -22.25 -5.78
C HIS B 51 1.76 -21.80 -6.92
N PHE B 52 3.07 -21.73 -6.68
CA PHE B 52 4.01 -21.36 -7.73
C PHE B 52 4.07 -22.41 -8.83
N VAL B 53 4.28 -23.67 -8.45
CA VAL B 53 4.75 -24.69 -9.39
C VAL B 53 3.65 -25.63 -9.88
N VAL B 54 2.41 -25.44 -9.44
CA VAL B 54 1.34 -26.34 -9.85
C VAL B 54 1.03 -26.15 -11.33
N GLU B 55 0.74 -27.26 -12.02
CA GLU B 55 0.39 -27.22 -13.42
C GLU B 55 -0.40 -28.49 -13.74
N GLY B 56 -0.96 -28.53 -14.95
CA GLY B 56 -1.63 -29.72 -15.44
C GLY B 56 -3.07 -29.44 -15.83
N SER B 57 -3.90 -30.48 -15.69
CA SER B 57 -5.27 -30.40 -16.19
C SER B 57 -6.14 -29.53 -15.28
N GLU B 58 -5.98 -29.64 -13.96
CA GLU B 58 -6.82 -28.94 -13.00
C GLU B 58 -6.07 -27.80 -12.31
N PHE B 59 -5.08 -27.21 -13.00
CA PHE B 59 -4.07 -26.42 -12.31
C PHE B 59 -4.64 -25.13 -11.70
N TYR B 60 -5.74 -24.61 -12.23
CA TYR B 60 -6.28 -23.36 -11.69
C TYR B 60 -6.94 -23.60 -10.33
N GLN B 61 -7.67 -24.70 -10.19
CA GLN B 61 -8.23 -25.09 -8.89
C GLN B 61 -7.14 -25.12 -7.82
N LEU B 62 -6.08 -25.87 -8.09
CA LEU B 62 -5.00 -25.99 -7.11
C LEU B 62 -4.28 -24.67 -6.90
N HIS B 63 -4.10 -23.89 -7.96
CA HIS B 63 -3.59 -22.52 -7.85
C HIS B 63 -4.31 -21.76 -6.74
N GLU B 64 -5.63 -21.58 -6.92
CA GLU B 64 -6.40 -20.78 -5.99
C GLU B 64 -6.45 -21.43 -4.60
N PHE B 65 -6.56 -22.75 -4.55
CA PHE B 65 -6.63 -23.42 -3.25
C PHE B 65 -5.33 -23.26 -2.46
N PHE B 66 -4.19 -23.42 -3.13
CA PHE B 66 -2.91 -23.26 -2.46
C PHE B 66 -2.71 -21.83 -1.98
N SER B 67 -3.13 -20.85 -2.77
CA SER B 67 -3.02 -19.46 -2.32
C SER B 67 -3.88 -19.21 -1.09
N GLU B 68 -5.16 -19.56 -1.17
CA GLU B 68 -6.06 -19.45 -0.03
C GLU B 68 -5.47 -20.13 1.20
N SER B 69 -4.90 -21.33 1.02
CA SER B 69 -4.42 -22.11 2.15
C SER B 69 -3.20 -21.49 2.79
N TYR B 70 -2.26 -20.98 1.99
CA TYR B 70 -1.08 -20.40 2.61
C TYR B 70 -1.40 -19.06 3.28
N ASP B 71 -2.42 -18.35 2.79
CA ASP B 71 -2.82 -17.14 3.52
C ASP B 71 -3.52 -17.48 4.84
N GLU B 72 -4.36 -18.53 4.85
CA GLU B 72 -4.93 -18.99 6.11
C GLU B 72 -3.85 -19.43 7.09
N VAL B 73 -2.84 -20.16 6.59
CA VAL B 73 -1.77 -20.64 7.44
C VAL B 73 -0.93 -19.47 7.97
N GLN B 74 -0.75 -18.43 7.16
CA GLN B 74 -0.04 -17.25 7.65
C GLN B 74 -0.84 -16.52 8.71
N GLY B 75 -2.17 -16.50 8.58
CA GLY B 75 -2.98 -15.96 9.67
C GLY B 75 -2.78 -16.71 10.97
N HIS B 76 -2.78 -18.04 10.88
CA HIS B 76 -2.48 -18.87 12.05
C HIS B 76 -1.11 -18.51 12.63
N VAL B 77 -0.10 -18.43 11.76
CA VAL B 77 1.26 -18.12 12.19
C VAL B 77 1.29 -16.80 12.95
N HIS B 78 0.66 -15.76 12.40
CA HIS B 78 0.71 -14.41 13.03
C HIS B 78 -0.03 -14.40 14.36
N GLU B 79 -1.20 -15.01 14.42
CA GLU B 79 -1.91 -15.04 15.70
C GLU B 79 -1.08 -15.76 16.76
N ILE B 80 -0.49 -16.90 16.40
CA ILE B 80 0.32 -17.65 17.35
C ILE B 80 1.55 -16.85 17.76
N GLY B 81 2.17 -16.15 16.81
CA GLY B 81 3.37 -15.38 17.14
C GLY B 81 3.09 -14.22 18.08
N GLU B 82 2.02 -13.47 17.80
CA GLU B 82 1.66 -12.34 18.66
C GLU B 82 1.30 -12.84 20.06
N ARG B 83 0.48 -13.89 20.15
CA ARG B 83 0.12 -14.42 21.47
C ARG B 83 1.34 -14.99 22.18
N LEU B 84 2.27 -15.59 21.43
CA LEU B 84 3.46 -16.18 22.04
C LEU B 84 4.35 -15.11 22.64
N ASN B 85 4.58 -14.02 21.93
CA ASN B 85 5.41 -12.96 22.52
C ASN B 85 4.66 -12.34 23.69
N GLY B 86 3.35 -12.16 23.55
CA GLY B 86 2.60 -11.60 24.65
C GLY B 86 2.72 -12.43 25.92
N LEU B 87 2.76 -13.76 25.77
CA LEU B 87 2.87 -14.63 26.94
C LEU B 87 4.27 -14.64 27.53
N GLY B 88 5.24 -14.00 26.89
CA GLY B 88 6.59 -13.90 27.42
C GLY B 88 7.63 -14.74 26.72
N GLY B 89 7.27 -15.44 25.64
CA GLY B 89 8.20 -16.27 24.91
C GLY B 89 8.85 -15.53 23.76
N VAL B 90 9.61 -16.27 22.97
CA VAL B 90 10.30 -15.73 21.80
C VAL B 90 9.93 -16.58 20.59
N PRO B 91 9.41 -15.97 19.52
CA PRO B 91 9.10 -16.74 18.32
C PRO B 91 10.35 -17.11 17.54
N VAL B 92 10.28 -18.27 16.88
CA VAL B 92 11.38 -18.76 16.07
C VAL B 92 11.31 -18.12 14.69
N ALA B 93 12.48 -17.80 14.12
CA ALA B 93 12.54 -17.02 12.89
C ALA B 93 13.65 -17.48 11.95
N SER B 94 14.79 -17.88 12.50
CA SER B 94 15.88 -18.35 11.67
C SER B 94 15.57 -19.71 11.07
N PHE B 95 16.28 -20.04 9.99
CA PHE B 95 16.02 -21.30 9.28
C PHE B 95 16.46 -22.51 10.09
N SER B 96 17.51 -22.38 10.90
CA SER B 96 18.06 -23.54 11.60
C SER B 96 17.03 -24.13 12.56
N LYS B 97 16.54 -23.31 13.48
CA LYS B 97 15.56 -23.80 14.44
C LYS B 97 14.18 -24.02 13.83
N LEU B 98 13.83 -23.32 12.75
CA LEU B 98 12.57 -23.59 12.08
C LEU B 98 12.60 -24.95 11.37
N ALA B 99 13.78 -25.37 10.91
CA ALA B 99 13.92 -26.72 10.37
C ALA B 99 14.01 -27.75 11.48
N GLU B 100 14.64 -27.39 12.60
CA GLU B 100 14.72 -28.30 13.73
C GLU B 100 13.35 -28.61 14.31
N LEU B 101 12.63 -27.58 14.75
CA LEU B 101 11.42 -27.74 15.56
C LEU B 101 10.17 -28.06 14.75
N CYS B 102 10.26 -28.12 13.43
CA CYS B 102 9.07 -28.39 12.62
C CYS B 102 8.64 -29.85 12.80
N CYS B 103 7.35 -30.05 13.07
CA CYS B 103 6.89 -31.37 13.50
C CYS B 103 6.87 -32.37 12.35
N PHE B 104 6.71 -31.91 11.11
CA PHE B 104 6.70 -32.79 9.96
C PHE B 104 7.90 -32.52 9.07
N THR B 105 8.14 -33.42 8.12
CA THR B 105 9.26 -33.25 7.19
C THR B 105 8.80 -32.45 5.98
N PRO B 106 9.36 -31.27 5.72
CA PRO B 106 8.93 -30.49 4.56
C PRO B 106 9.28 -31.20 3.26
N GLU B 107 8.56 -30.83 2.21
CA GLU B 107 8.79 -31.39 0.90
C GLU B 107 10.19 -31.01 0.41
N PRO B 108 10.96 -31.95 -0.13
CA PRO B 108 12.26 -31.58 -0.70
C PRO B 108 12.11 -30.66 -1.89
N ASP B 109 13.19 -29.97 -2.22
CA ASP B 109 13.14 -28.99 -3.30
C ASP B 109 12.97 -29.68 -4.65
N GLY B 110 12.22 -29.03 -5.53
CA GLY B 110 11.89 -29.61 -6.83
C GLY B 110 10.39 -29.67 -7.05
N VAL B 111 9.99 -29.71 -8.31
CA VAL B 111 8.57 -29.72 -8.66
C VAL B 111 8.04 -31.15 -8.61
N PHE B 112 6.97 -31.36 -7.87
CA PHE B 112 6.26 -32.62 -7.83
C PHE B 112 4.96 -32.50 -8.62
N SER B 113 4.37 -33.64 -8.96
CA SER B 113 3.08 -33.62 -9.62
C SER B 113 2.00 -33.15 -8.66
N CYS B 114 0.93 -32.57 -9.21
CA CYS B 114 -0.09 -31.93 -8.38
C CYS B 114 -0.68 -32.90 -7.36
N ARG B 115 -0.87 -34.17 -7.75
CA ARG B 115 -1.44 -35.15 -6.84
C ARG B 115 -0.54 -35.39 -5.65
N ALA B 116 0.75 -35.60 -5.89
CA ALA B 116 1.70 -35.77 -4.80
C ALA B 116 1.77 -34.53 -3.93
N MET B 117 1.60 -33.34 -4.52
CA MET B 117 1.58 -32.12 -3.74
C MET B 117 0.39 -32.09 -2.79
N VAL B 118 -0.78 -32.46 -3.29
CA VAL B 118 -1.97 -32.50 -2.44
C VAL B 118 -1.80 -33.53 -1.32
N GLU B 119 -1.17 -34.67 -1.63
CA GLU B 119 -0.96 -35.69 -0.61
C GLU B 119 0.00 -35.19 0.47
N HIS B 120 1.11 -34.56 0.06
CA HIS B 120 2.05 -33.98 1.02
C HIS B 120 1.35 -32.96 1.92
N ASP B 121 0.56 -32.06 1.30
CA ASP B 121 -0.13 -31.05 2.08
C ASP B 121 -1.11 -31.67 3.06
N LEU B 122 -1.83 -32.72 2.64
CA LEU B 122 -2.80 -33.36 3.53
C LEU B 122 -2.11 -33.98 4.73
N SER B 123 -1.02 -34.73 4.51
CA SER B 123 -0.36 -35.38 5.63
C SER B 123 0.30 -34.36 6.55
N ALA B 124 0.82 -33.27 5.99
CA ALA B 124 1.34 -32.19 6.81
C ALA B 124 0.26 -31.59 7.70
N GLU B 125 -0.91 -31.31 7.11
CA GLU B 125 -2.04 -30.81 7.88
C GLU B 125 -2.42 -31.78 8.98
N GLN B 126 -2.40 -33.08 8.69
CA GLN B 126 -2.78 -34.08 9.69
C GLN B 126 -1.83 -34.08 10.88
N GLU B 127 -0.51 -34.08 10.61
CA GLU B 127 0.45 -34.07 11.70
C GLU B 127 0.36 -32.79 12.53
N ILE B 128 0.21 -31.63 11.85
CA ILE B 128 0.05 -30.39 12.61
C ILE B 128 -1.24 -30.41 13.41
N ILE B 129 -2.28 -31.07 12.91
CA ILE B 129 -3.53 -31.22 13.67
C ILE B 129 -3.27 -32.01 14.95
N LYS B 130 -2.51 -33.10 14.85
CA LYS B 130 -2.19 -33.88 16.05
C LYS B 130 -1.46 -33.02 17.07
N VAL B 131 -0.43 -32.31 16.64
CA VAL B 131 0.33 -31.46 17.56
C VAL B 131 -0.57 -30.40 18.19
N ILE B 132 -1.47 -29.82 17.39
CA ILE B 132 -2.36 -28.77 17.88
C ILE B 132 -3.30 -29.31 18.94
N ARG B 133 -3.94 -30.45 18.64
CA ARG B 133 -4.82 -31.09 19.62
C ARG B 133 -4.09 -31.32 20.92
N ARG B 134 -2.85 -31.79 20.84
CA ARG B 134 -2.21 -32.15 22.10
C ARG B 134 -1.78 -30.93 22.90
N GLN B 135 -1.26 -29.90 22.23
CA GLN B 135 -0.91 -28.71 22.98
C GLN B 135 -2.15 -28.00 23.51
N ALA B 136 -3.29 -28.12 22.81
CA ALA B 136 -4.53 -27.58 23.35
C ALA B 136 -4.95 -28.31 24.62
N GLY B 137 -4.82 -29.64 24.63
CA GLY B 137 -5.09 -30.38 25.86
C GLY B 137 -4.18 -29.94 26.99
N GLN B 138 -2.89 -29.83 26.72
CA GLN B 138 -1.94 -29.32 27.72
C GLN B 138 -2.40 -27.97 28.26
N ALA B 139 -2.65 -27.03 27.35
CA ALA B 139 -3.08 -25.68 27.75
C ALA B 139 -4.32 -25.72 28.62
N GLU B 140 -5.26 -26.61 28.31
CA GLU B 140 -6.46 -26.72 29.15
C GLU B 140 -6.11 -27.20 30.55
N SER B 141 -5.21 -28.17 30.65
CA SER B 141 -4.90 -28.73 31.98
C SER B 141 -4.20 -27.71 32.87
N LEU B 142 -3.35 -26.84 32.29
CA LEU B 142 -2.68 -25.82 33.10
C LEU B 142 -3.54 -24.58 33.31
N GLY B 143 -4.77 -24.56 32.82
CA GLY B 143 -5.68 -23.46 33.09
C GLY B 143 -5.57 -22.27 32.17
N ASP B 144 -4.90 -22.41 31.03
CA ASP B 144 -4.78 -21.32 30.05
C ASP B 144 -5.91 -21.48 29.05
N ARG B 145 -6.99 -20.72 29.26
CA ARG B 145 -8.21 -20.90 28.46
C ARG B 145 -8.15 -20.18 27.12
N ALA B 146 -7.50 -19.01 27.05
CA ALA B 146 -7.47 -18.26 25.81
C ALA B 146 -6.61 -18.96 24.76
N THR B 147 -5.43 -19.43 25.18
CA THR B 147 -4.62 -20.31 24.34
C THR B 147 -5.42 -21.50 23.84
N ARG B 148 -6.15 -22.12 24.74
CA ARG B 148 -7.00 -23.25 24.41
C ARG B 148 -8.00 -22.87 23.31
N HIS B 149 -8.67 -21.72 23.46
CA HIS B 149 -9.65 -21.27 22.48
C HIS B 149 -9.02 -20.99 21.12
N LEU B 150 -7.87 -20.31 21.12
CA LEU B 150 -7.16 -20.03 19.86
C LEU B 150 -6.78 -21.32 19.16
N TYR B 151 -6.25 -22.28 19.92
CA TYR B 151 -5.89 -23.58 19.36
C TYR B 151 -7.10 -24.24 18.72
N GLU B 152 -8.27 -24.15 19.36
CA GLU B 152 -9.43 -24.83 18.81
C GLU B 152 -9.94 -24.17 17.54
N LYS B 153 -9.87 -22.84 17.46
CA LYS B 153 -10.22 -22.16 16.22
C LYS B 153 -9.29 -22.60 15.08
N ILE B 154 -7.98 -22.55 15.33
CA ILE B 154 -7.02 -22.99 14.33
C ILE B 154 -7.28 -24.45 13.95
N LEU B 155 -7.66 -25.28 14.93
CA LEU B 155 -7.89 -26.69 14.68
C LEU B 155 -9.10 -26.90 13.78
N LEU B 156 -10.19 -26.17 14.02
CA LEU B 156 -11.36 -26.29 13.15
C LEU B 156 -11.01 -25.96 11.71
N GLU B 157 -10.36 -24.81 11.50
CA GLU B 157 -10.07 -24.44 10.10
C GLU B 157 -9.00 -25.35 9.48
N SER B 158 -8.09 -25.89 10.28
CA SER B 158 -7.12 -26.85 9.76
C SER B 158 -7.80 -28.16 9.35
N GLU B 159 -8.76 -28.62 10.16
CA GLU B 159 -9.51 -29.81 9.80
C GLU B 159 -10.28 -29.61 8.51
N ASP B 160 -10.81 -28.41 8.28
CA ASP B 160 -11.48 -28.18 7.00
C ASP B 160 -10.49 -28.14 5.84
N ARG B 161 -9.31 -27.56 6.06
CA ARG B 161 -8.28 -27.64 5.02
C ARG B 161 -7.98 -29.09 4.66
N ALA B 162 -7.88 -29.96 5.66
CA ALA B 162 -7.66 -31.37 5.41
C ALA B 162 -8.83 -32.00 4.66
N PHE B 163 -10.06 -31.61 5.01
CA PHE B 163 -11.24 -32.07 4.29
C PHE B 163 -11.13 -31.76 2.80
N HIS B 164 -10.79 -30.51 2.48
CA HIS B 164 -10.74 -30.09 1.09
C HIS B 164 -9.60 -30.78 0.33
N LEU B 165 -8.47 -30.99 1.00
CA LEU B 165 -7.38 -31.74 0.38
C LEU B 165 -7.82 -33.17 0.06
N SER B 166 -8.44 -33.85 1.02
CA SER B 166 -8.95 -35.20 0.78
C SER B 166 -9.95 -35.22 -0.37
N HIS B 167 -10.80 -34.19 -0.44
CA HIS B 167 -11.75 -34.10 -1.56
C HIS B 167 -11.02 -33.98 -2.89
N PHE B 168 -9.93 -33.21 -2.91
CA PHE B 168 -9.12 -33.13 -4.13
C PHE B 168 -8.50 -34.49 -4.46
N LEU B 169 -8.24 -35.32 -3.46
CA LEU B 169 -7.60 -36.62 -3.69
C LEU B 169 -8.58 -37.74 -4.00
N ALA B 170 -9.88 -37.48 -4.05
CA ALA B 170 -10.86 -38.54 -4.25
C ALA B 170 -10.77 -39.10 -5.67
N HIS B 171 -11.11 -40.39 -5.80
CA HIS B 171 -11.07 -41.07 -7.10
C HIS B 171 -12.44 -40.93 -7.76
N ASP B 172 -12.65 -39.77 -8.37
CA ASP B 172 -13.89 -39.48 -9.07
C ASP B 172 -13.66 -38.25 -9.95
N SER B 173 -14.37 -38.20 -11.07
CA SER B 173 -14.16 -37.11 -12.03
C SER B 173 -15.29 -37.12 -13.05
N LEU B 174 -15.36 -36.05 -13.83
CA LEU B 174 -16.18 -36.05 -15.03
C LEU B 174 -15.53 -36.88 -16.12
N THR B 175 -14.20 -36.94 -16.14
CA THR B 175 -13.49 -37.85 -17.03
C THR B 175 -13.69 -39.30 -16.55
N PRO B 176 -13.66 -40.25 -17.48
CA PRO B 176 -13.84 -41.66 -17.08
C PRO B 176 -12.55 -42.28 -16.54
N ALA B 177 -11.78 -41.51 -15.79
CA ALA B 177 -10.52 -41.99 -15.24
C ALA B 177 -10.74 -42.69 -13.90
N SER C 6 11.11 -39.37 -7.66
CA SER C 6 9.74 -38.90 -7.81
C SER C 6 9.59 -37.40 -8.15
N PRO C 7 10.54 -36.54 -7.79
CA PRO C 7 10.51 -35.17 -8.34
C PRO C 7 10.56 -35.19 -9.86
N ILE C 8 9.75 -34.33 -10.48
CA ILE C 8 9.66 -34.26 -11.94
C ILE C 8 10.54 -33.17 -12.53
N GLN C 9 10.98 -32.25 -11.68
CA GLN C 9 11.89 -31.18 -12.13
C GLN C 9 12.73 -30.83 -10.93
N THR C 10 13.84 -31.56 -10.74
CA THR C 10 14.74 -31.36 -9.58
C THR C 10 15.37 -29.97 -9.61
N PHE C 11 15.62 -29.39 -8.42
CA PHE C 11 16.16 -28.02 -8.18
C PHE C 11 17.05 -27.46 -9.31
N GLU C 12 18.20 -28.09 -9.56
CA GLU C 12 19.21 -27.63 -10.56
C GLU C 12 18.98 -28.30 -11.91
N GLN C 13 17.71 -28.39 -12.33
CA GLN C 13 17.33 -29.00 -13.64
C GLN C 13 16.06 -28.30 -14.15
N MET C 14 16.22 -27.43 -15.15
CA MET C 14 15.07 -26.66 -15.72
C MET C 14 14.57 -27.36 -17.00
N LYS C 15 13.65 -26.71 -17.71
CA LYS C 15 13.06 -27.26 -18.97
C LYS C 15 12.90 -26.14 -20.00
N ASP C 16 11.70 -25.98 -20.55
CA ASP C 16 11.43 -24.95 -21.55
C ASP C 16 10.49 -23.88 -21.00
N ASN C 17 10.53 -22.71 -21.64
CA ASN C 17 9.72 -21.56 -21.27
C ASN C 17 8.75 -21.23 -22.39
N PRO C 18 7.47 -20.97 -22.09
CA PRO C 18 6.47 -20.71 -23.13
C PRO C 18 6.31 -19.23 -23.45
N ILE C 19 7.37 -18.64 -23.98
CA ILE C 19 7.37 -17.21 -24.28
C ILE C 19 8.16 -16.95 -25.55
N GLY C 20 9.05 -17.87 -25.89
CA GLY C 20 9.92 -17.71 -27.04
C GLY C 20 11.31 -17.25 -26.73
N LEU C 21 11.70 -17.21 -25.46
CA LEU C 21 13.08 -16.95 -25.11
C LEU C 21 13.90 -18.23 -25.24
N GLU C 22 15.21 -18.06 -25.29
CA GLU C 22 16.12 -19.18 -25.35
C GLU C 22 16.84 -19.31 -24.00
N MET C 23 17.51 -20.45 -23.80
CA MET C 23 17.99 -20.83 -22.48
C MET C 23 19.42 -20.34 -22.20
N ASN C 24 20.01 -19.54 -23.09
CA ASN C 24 21.21 -18.78 -22.78
C ASN C 24 20.94 -17.71 -21.71
N VAL C 25 19.68 -17.29 -21.51
CA VAL C 25 19.43 -16.17 -20.61
C VAL C 25 18.27 -16.40 -19.64
N THR C 26 17.33 -17.32 -19.97
CA THR C 26 16.32 -17.65 -18.96
C THR C 26 16.93 -18.42 -17.81
N THR C 27 17.90 -19.30 -18.08
CA THR C 27 18.62 -19.97 -17.01
C THR C 27 19.32 -18.97 -16.10
N ALA C 28 20.04 -18.03 -16.72
CA ALA C 28 20.76 -16.99 -15.97
C ALA C 28 19.80 -16.18 -15.11
N VAL C 29 18.73 -15.67 -15.73
CA VAL C 29 17.76 -14.86 -14.99
C VAL C 29 17.05 -15.69 -13.92
N CYS C 30 16.87 -16.99 -14.14
CA CYS C 30 16.15 -17.80 -13.16
C CYS C 30 16.96 -17.99 -11.89
N GLU C 31 18.24 -18.32 -12.01
CA GLU C 31 18.96 -18.44 -10.75
C GLU C 31 19.44 -17.09 -10.22
N GLY C 32 19.42 -16.04 -11.04
CA GLY C 32 19.47 -14.70 -10.48
C GLY C 32 18.23 -14.39 -9.66
N PHE C 33 17.09 -14.94 -10.08
CA PHE C 33 15.83 -14.77 -9.35
C PHE C 33 15.85 -15.52 -8.03
N ASN C 34 16.46 -16.71 -8.01
CA ASN C 34 16.41 -17.53 -6.81
C ASN C 34 17.14 -16.87 -5.64
N ILE C 35 18.25 -16.18 -5.91
CA ILE C 35 18.98 -15.47 -4.86
C ILE C 35 18.07 -14.44 -4.19
N VAL C 36 17.44 -13.59 -5.01
CA VAL C 36 16.60 -12.52 -4.48
C VAL C 36 15.38 -13.10 -3.78
N LEU C 37 14.83 -14.21 -4.30
CA LEU C 37 13.70 -14.85 -3.64
C LEU C 37 14.09 -15.34 -2.25
N ALA C 38 15.26 -16.00 -2.14
CA ALA C 38 15.69 -16.51 -0.85
C ALA C 38 15.89 -15.37 0.16
N SER C 39 16.61 -14.32 -0.26
CA SER C 39 16.88 -13.24 0.66
C SER C 39 15.61 -12.47 1.03
N PHE C 40 14.67 -12.33 0.09
CA PHE C 40 13.42 -11.66 0.38
C PHE C 40 12.56 -12.48 1.34
N GLN C 41 12.60 -13.81 1.21
CA GLN C 41 11.88 -14.65 2.16
C GLN C 41 12.46 -14.53 3.56
N ALA C 42 13.79 -14.53 3.67
CA ALA C 42 14.43 -14.32 4.97
C ALA C 42 14.05 -12.96 5.55
N LEU C 43 14.02 -11.92 4.71
CA LEU C 43 13.67 -10.59 5.19
C LEU C 43 12.21 -10.52 5.62
N TYR C 44 11.33 -11.24 4.92
CA TYR C 44 9.93 -11.29 5.33
C TYR C 44 9.79 -11.96 6.69
N LEU C 45 10.48 -13.07 6.92
CA LEU C 45 10.43 -13.72 8.23
C LEU C 45 10.98 -12.80 9.31
N GLN C 46 12.06 -12.06 9.00
CA GLN C 46 12.64 -11.15 9.98
C GLN C 46 11.69 -10.01 10.32
N TYR C 47 11.05 -9.42 9.30
CA TYR C 47 10.09 -8.36 9.53
C TYR C 47 8.90 -8.86 10.33
N GLN C 48 8.48 -10.11 10.10
CA GLN C 48 7.38 -10.68 10.89
C GLN C 48 7.78 -10.85 12.35
N LYS C 49 8.98 -11.37 12.60
CA LYS C 49 9.46 -11.49 13.98
C LYS C 49 9.52 -10.12 14.65
N HIS C 50 9.96 -9.10 13.91
CA HIS C 50 10.02 -7.76 14.46
C HIS C 50 8.62 -7.23 14.78
N HIS C 51 7.67 -7.51 13.88
CA HIS C 51 6.25 -7.13 14.13
C HIS C 51 5.83 -7.77 15.44
N PHE C 52 6.30 -8.99 15.67
CA PHE C 52 5.89 -9.72 16.86
C PHE C 52 6.46 -9.10 18.14
N VAL C 53 7.76 -8.82 18.17
CA VAL C 53 8.47 -8.71 19.44
C VAL C 53 8.92 -7.29 19.79
N VAL C 54 8.67 -6.29 18.94
CA VAL C 54 9.16 -4.95 19.29
C VAL C 54 8.35 -4.37 20.44
N GLU C 55 9.03 -3.58 21.27
CA GLU C 55 8.42 -2.94 22.42
C GLU C 55 9.16 -1.63 22.68
N GLY C 56 8.58 -0.79 23.52
CA GLY C 56 9.24 0.44 23.91
C GLY C 56 8.46 1.71 23.65
N SER C 57 9.18 2.82 23.51
CA SER C 57 8.53 4.12 23.40
C SER C 57 7.79 4.27 22.08
N GLU C 58 8.44 3.89 20.98
CA GLU C 58 7.87 4.04 19.64
C GLU C 58 7.26 2.75 19.11
N PHE C 59 7.02 1.78 20.00
CA PHE C 59 6.76 0.41 19.58
C PHE C 59 5.55 0.29 18.66
N TYR C 60 4.56 1.17 18.79
CA TYR C 60 3.41 1.10 17.89
C TYR C 60 3.81 1.41 16.45
N GLN C 61 4.63 2.46 16.28
CA GLN C 61 5.15 2.81 14.97
C GLN C 61 5.88 1.63 14.34
N LEU C 62 6.80 1.02 15.09
CA LEU C 62 7.58 -0.10 14.57
C LEU C 62 6.69 -1.30 14.27
N HIS C 63 5.78 -1.62 15.18
CA HIS C 63 4.77 -2.66 14.97
C HIS C 63 4.13 -2.54 13.59
N GLU C 64 3.47 -1.41 13.34
CA GLU C 64 2.72 -1.29 12.09
C GLU C 64 3.66 -1.19 10.89
N PHE C 65 4.78 -0.49 11.03
CA PHE C 65 5.73 -0.37 9.93
C PHE C 65 6.27 -1.73 9.52
N PHE C 66 6.57 -2.58 10.51
CA PHE C 66 7.12 -3.90 10.21
C PHE C 66 6.08 -4.78 9.53
N SER C 67 4.82 -4.71 9.95
CA SER C 67 3.79 -5.47 9.24
C SER C 67 3.68 -4.99 7.79
N GLU C 68 3.61 -3.67 7.59
CA GLU C 68 3.55 -3.11 6.23
C GLU C 68 4.71 -3.63 5.38
N SER C 69 5.92 -3.59 5.93
CA SER C 69 7.10 -3.94 5.14
C SER C 69 7.18 -5.42 4.83
N TYR C 70 6.76 -6.29 5.79
CA TYR C 70 6.82 -7.71 5.45
C TYR C 70 5.74 -8.07 4.43
N ASP C 71 4.62 -7.34 4.41
CA ASP C 71 3.66 -7.53 3.32
C ASP C 71 4.26 -7.11 1.97
N GLU C 72 4.95 -5.96 1.94
CA GLU C 72 5.59 -5.52 0.71
C GLU C 72 6.58 -6.56 0.17
N VAL C 73 7.45 -7.05 1.05
CA VAL C 73 8.46 -8.01 0.58
C VAL C 73 7.82 -9.35 0.23
N GLN C 74 6.71 -9.72 0.89
CA GLN C 74 6.01 -10.93 0.48
C GLN C 74 5.45 -10.79 -0.93
N GLY C 75 4.94 -9.60 -1.27
CA GLY C 75 4.50 -9.38 -2.65
C GLY C 75 5.65 -9.52 -3.64
N HIS C 76 6.80 -8.95 -3.30
CA HIS C 76 8.00 -9.14 -4.13
C HIS C 76 8.28 -10.62 -4.33
N VAL C 77 8.29 -11.40 -3.24
CA VAL C 77 8.55 -12.83 -3.31
C VAL C 77 7.55 -13.50 -4.25
N HIS C 78 6.27 -13.15 -4.11
CA HIS C 78 5.22 -13.80 -4.89
C HIS C 78 5.45 -13.61 -6.38
N GLU C 79 5.68 -12.36 -6.79
CA GLU C 79 5.80 -12.13 -8.24
C GLU C 79 7.11 -12.69 -8.78
N ILE C 80 8.20 -12.62 -8.00
CA ILE C 80 9.44 -13.23 -8.45
C ILE C 80 9.25 -14.73 -8.64
N GLY C 81 8.57 -15.39 -7.71
CA GLY C 81 8.38 -16.83 -7.82
C GLY C 81 7.46 -17.23 -8.96
N GLU C 82 6.36 -16.51 -9.14
CA GLU C 82 5.46 -16.82 -10.24
C GLU C 82 6.16 -16.64 -11.59
N ARG C 83 6.92 -15.55 -11.74
CA ARG C 83 7.65 -15.35 -12.98
C ARG C 83 8.75 -16.39 -13.16
N LEU C 84 9.39 -16.80 -12.06
CA LEU C 84 10.45 -17.79 -12.15
C LEU C 84 9.91 -19.13 -12.63
N ASN C 85 8.78 -19.57 -12.06
CA ASN C 85 8.15 -20.79 -12.56
C ASN C 85 7.69 -20.61 -14.01
N GLY C 86 7.26 -19.40 -14.36
CA GLY C 86 6.84 -19.15 -15.73
C GLY C 86 7.96 -19.34 -16.73
N LEU C 87 9.15 -18.85 -16.42
CA LEU C 87 10.27 -18.92 -17.35
C LEU C 87 11.03 -20.24 -17.28
N GLY C 88 10.64 -21.16 -16.38
CA GLY C 88 11.15 -22.52 -16.42
C GLY C 88 11.98 -22.95 -15.22
N GLY C 89 12.12 -22.11 -14.19
CA GLY C 89 12.93 -22.45 -13.04
C GLY C 89 12.14 -23.16 -11.95
N VAL C 90 12.83 -23.44 -10.86
CA VAL C 90 12.25 -24.05 -9.66
C VAL C 90 12.53 -23.13 -8.49
N PRO C 91 11.52 -22.71 -7.74
CA PRO C 91 11.76 -21.79 -6.62
C PRO C 91 12.28 -22.51 -5.40
N VAL C 92 13.10 -21.79 -4.64
CA VAL C 92 13.67 -22.31 -3.40
C VAL C 92 12.60 -22.34 -2.32
N ALA C 93 12.63 -23.38 -1.48
CA ALA C 93 11.62 -23.52 -0.43
C ALA C 93 12.21 -24.14 0.83
N SER C 94 13.21 -25.01 0.67
CA SER C 94 13.86 -25.63 1.81
C SER C 94 14.46 -24.58 2.73
N PHE C 95 14.44 -24.86 4.03
CA PHE C 95 15.21 -24.03 4.96
C PHE C 95 16.70 -24.12 4.66
N SER C 96 17.16 -25.29 4.24
CA SER C 96 18.57 -25.47 3.87
C SER C 96 18.98 -24.47 2.81
N LYS C 97 18.34 -24.53 1.64
CA LYS C 97 18.75 -23.64 0.57
C LYS C 97 18.32 -22.21 0.84
N LEU C 98 17.16 -21.99 1.49
CA LEU C 98 16.77 -20.63 1.83
C LEU C 98 17.81 -19.95 2.72
N ALA C 99 18.52 -20.72 3.55
CA ALA C 99 19.62 -20.16 4.31
C ALA C 99 20.90 -20.06 3.47
N GLU C 100 21.11 -21.00 2.55
CA GLU C 100 22.30 -20.96 1.70
C GLU C 100 22.29 -19.73 0.81
N LEU C 101 21.31 -19.64 -0.10
CA LEU C 101 21.26 -18.62 -1.14
C LEU C 101 20.93 -17.22 -0.62
N CYS C 102 20.71 -17.04 0.69
CA CYS C 102 20.42 -15.72 1.23
C CYS C 102 21.62 -14.80 1.04
N CYS C 103 21.38 -13.64 0.43
CA CYS C 103 22.48 -12.73 0.12
C CYS C 103 23.03 -12.05 1.37
N PHE C 104 22.21 -11.85 2.38
CA PHE C 104 22.63 -11.24 3.64
C PHE C 104 22.57 -12.26 4.76
N THR C 105 23.18 -11.89 5.90
CA THR C 105 23.16 -12.76 7.07
C THR C 105 21.90 -12.49 7.88
N PRO C 106 21.02 -13.47 8.06
CA PRO C 106 19.80 -13.24 8.86
C PRO C 106 20.14 -12.96 10.31
N GLU C 107 19.22 -12.29 10.98
CA GLU C 107 19.41 -11.96 12.39
C GLU C 107 19.35 -13.24 13.22
N PRO C 108 20.25 -13.41 14.18
CA PRO C 108 20.15 -14.56 15.10
C PRO C 108 18.89 -14.49 15.93
N ASP C 109 18.50 -15.64 16.47
CA ASP C 109 17.26 -15.72 17.24
C ASP C 109 17.38 -14.94 18.54
N GLY C 110 16.27 -14.35 18.95
CA GLY C 110 16.23 -13.57 20.16
C GLY C 110 15.70 -12.17 19.95
N VAL C 111 15.29 -11.52 21.03
CA VAL C 111 14.77 -10.16 20.97
C VAL C 111 15.93 -9.18 21.05
N PHE C 112 15.99 -8.26 20.10
CA PHE C 112 16.97 -7.19 20.09
C PHE C 112 16.29 -5.88 20.44
N SER C 113 17.11 -4.87 20.74
CA SER C 113 16.59 -3.53 20.90
C SER C 113 16.00 -3.05 19.57
N CYS C 114 15.00 -2.18 19.66
CA CYS C 114 14.32 -1.68 18.47
C CYS C 114 15.32 -1.12 17.45
N ARG C 115 16.27 -0.32 17.94
CA ARG C 115 17.28 0.25 17.05
C ARG C 115 18.08 -0.84 16.35
N ALA C 116 18.46 -1.90 17.08
CA ALA C 116 19.29 -2.94 16.49
C ALA C 116 18.56 -3.65 15.35
N MET C 117 17.28 -3.95 15.53
CA MET C 117 16.55 -4.61 14.46
C MET C 117 16.29 -3.66 13.30
N VAL C 118 16.12 -2.36 13.55
CA VAL C 118 16.02 -1.43 12.44
C VAL C 118 17.31 -1.42 11.62
N GLU C 119 18.46 -1.48 12.31
CA GLU C 119 19.74 -1.51 11.59
C GLU C 119 19.89 -2.79 10.77
N HIS C 120 19.59 -3.94 11.38
CA HIS C 120 19.64 -5.21 10.67
C HIS C 120 18.76 -5.17 9.43
N ASP C 121 17.52 -4.70 9.59
CA ASP C 121 16.61 -4.59 8.45
C ASP C 121 17.18 -3.68 7.38
N LEU C 122 17.71 -2.51 7.77
CA LEU C 122 18.21 -1.56 6.79
C LEU C 122 19.29 -2.18 5.91
N SER C 123 20.31 -2.78 6.54
CA SER C 123 21.43 -3.28 5.73
C SER C 123 21.04 -4.56 4.99
N ALA C 124 20.11 -5.34 5.52
CA ALA C 124 19.54 -6.43 4.75
C ALA C 124 18.92 -5.90 3.46
N GLU C 125 18.13 -4.81 3.58
CA GLU C 125 17.54 -4.19 2.41
C GLU C 125 18.62 -3.75 1.43
N GLN C 126 19.63 -3.02 1.91
CA GLN C 126 20.71 -2.53 1.04
C GLN C 126 21.36 -3.68 0.27
N GLU C 127 21.74 -4.74 1.00
CA GLU C 127 22.42 -5.86 0.36
C GLU C 127 21.52 -6.61 -0.60
N ILE C 128 20.20 -6.55 -0.42
CA ILE C 128 19.33 -7.08 -1.47
C ILE C 128 19.23 -6.11 -2.64
N ILE C 129 19.30 -4.79 -2.37
CA ILE C 129 19.20 -3.81 -3.43
C ILE C 129 20.34 -3.98 -4.43
N LYS C 130 21.55 -4.24 -3.93
CA LYS C 130 22.68 -4.40 -4.85
C LYS C 130 22.54 -5.65 -5.72
N VAL C 131 22.10 -6.76 -5.12
CA VAL C 131 21.79 -7.95 -5.91
C VAL C 131 20.78 -7.62 -7.00
N ILE C 132 19.74 -6.87 -6.62
CA ILE C 132 18.66 -6.58 -7.56
C ILE C 132 19.16 -5.71 -8.71
N ARG C 133 20.01 -4.73 -8.41
CA ARG C 133 20.53 -3.86 -9.46
C ARG C 133 21.44 -4.63 -10.42
N ARG C 134 22.32 -5.48 -9.89
CA ARG C 134 23.16 -6.28 -10.76
C ARG C 134 22.33 -7.23 -11.62
N GLN C 135 21.27 -7.81 -11.06
CA GLN C 135 20.44 -8.72 -11.83
C GLN C 135 19.62 -7.97 -12.87
N ALA C 136 19.22 -6.73 -12.59
CA ALA C 136 18.55 -5.92 -13.59
C ALA C 136 19.50 -5.62 -14.74
N GLY C 137 20.75 -5.28 -14.44
CA GLY C 137 21.74 -5.09 -15.49
C GLY C 137 21.93 -6.34 -16.32
N GLN C 138 21.98 -7.50 -15.67
CA GLN C 138 22.12 -8.76 -16.40
C GLN C 138 20.93 -8.99 -17.33
N ALA C 139 19.71 -8.88 -16.79
CA ALA C 139 18.51 -9.07 -17.60
C ALA C 139 18.44 -8.10 -18.76
N GLU C 140 18.94 -6.87 -18.58
CA GLU C 140 18.98 -5.92 -19.68
C GLU C 140 19.98 -6.36 -20.74
N SER C 141 21.20 -6.70 -20.32
CA SER C 141 22.23 -7.12 -21.27
C SER C 141 21.75 -8.30 -22.10
N LEU C 142 21.00 -9.21 -21.49
CA LEU C 142 20.64 -10.44 -22.18
C LEU C 142 19.33 -10.37 -22.94
N GLY C 143 18.67 -9.20 -22.98
CA GLY C 143 17.52 -8.99 -23.81
C GLY C 143 16.19 -9.35 -23.21
N ASP C 144 16.13 -9.64 -21.90
CA ASP C 144 14.88 -9.97 -21.23
C ASP C 144 14.35 -8.70 -20.58
N ARG C 145 13.40 -8.06 -21.27
CA ARG C 145 12.89 -6.77 -20.85
C ARG C 145 12.05 -6.88 -19.58
N ALA C 146 11.09 -7.81 -19.56
CA ALA C 146 10.13 -7.87 -18.48
C ALA C 146 10.80 -8.10 -17.13
N THR C 147 11.82 -8.95 -17.10
CA THR C 147 12.52 -9.21 -15.85
C THR C 147 13.24 -7.97 -15.34
N ARG C 148 13.93 -7.24 -16.23
CA ARG C 148 14.61 -6.02 -15.82
C ARG C 148 13.62 -4.98 -15.31
N HIS C 149 12.47 -4.84 -15.99
CA HIS C 149 11.47 -3.85 -15.60
C HIS C 149 10.83 -4.19 -14.26
N LEU C 150 10.46 -5.46 -14.07
CA LEU C 150 9.94 -5.91 -12.78
C LEU C 150 10.98 -5.68 -11.68
N TYR C 151 12.24 -6.03 -11.97
CA TYR C 151 13.33 -5.73 -11.05
C TYR C 151 13.36 -4.26 -10.70
N GLU C 152 13.12 -3.40 -11.68
CA GLU C 152 13.25 -1.96 -11.45
C GLU C 152 12.14 -1.43 -10.56
N LYS C 153 10.92 -1.95 -10.70
CA LYS C 153 9.88 -1.43 -9.81
C LYS C 153 9.98 -2.02 -8.40
N ILE C 154 10.35 -3.30 -8.29
CA ILE C 154 10.72 -3.85 -6.99
C ILE C 154 11.84 -3.01 -6.37
N LEU C 155 12.83 -2.64 -7.20
CA LEU C 155 13.92 -1.77 -6.78
C LEU C 155 13.40 -0.45 -6.22
N LEU C 156 12.49 0.19 -6.95
CA LEU C 156 11.96 1.49 -6.52
C LEU C 156 11.34 1.39 -5.14
N GLU C 157 10.39 0.48 -4.96
CA GLU C 157 9.70 0.49 -3.67
C GLU C 157 10.54 -0.10 -2.54
N SER C 158 11.52 -0.95 -2.83
CA SER C 158 12.42 -1.40 -1.76
C SER C 158 13.40 -0.30 -1.36
N GLU C 159 13.83 0.53 -2.32
CA GLU C 159 14.59 1.72 -1.97
C GLU C 159 13.76 2.67 -1.11
N ASP C 160 12.46 2.75 -1.39
CA ASP C 160 11.56 3.53 -0.54
C ASP C 160 11.51 2.95 0.88
N ARG C 161 11.40 1.63 0.98
CA ARG C 161 11.41 0.98 2.29
C ARG C 161 12.70 1.30 3.05
N ALA C 162 13.85 1.22 2.37
CA ALA C 162 15.11 1.56 3.02
C ALA C 162 15.17 3.03 3.40
N PHE C 163 14.55 3.91 2.61
CA PHE C 163 14.42 5.31 3.00
C PHE C 163 13.72 5.45 4.34
N HIS C 164 12.54 4.84 4.47
CA HIS C 164 11.79 4.93 5.71
C HIS C 164 12.59 4.34 6.88
N LEU C 165 13.28 3.22 6.64
CA LEU C 165 14.13 2.62 7.66
C LEU C 165 15.21 3.59 8.12
N SER C 166 15.95 4.18 7.17
CA SER C 166 16.98 5.15 7.53
C SER C 166 16.37 6.32 8.30
N HIS C 167 15.14 6.69 7.97
CA HIS C 167 14.47 7.78 8.68
C HIS C 167 14.20 7.41 10.16
N PHE C 168 13.96 6.15 10.44
CA PHE C 168 13.71 5.84 11.86
C PHE C 168 15.00 5.93 12.65
N LEU C 169 16.14 5.85 11.96
CA LEU C 169 17.44 5.81 12.63
C LEU C 169 18.10 7.17 12.82
N ALA C 170 17.50 8.26 12.35
CA ALA C 170 18.12 9.56 12.43
C ALA C 170 18.18 10.05 13.88
N HIS C 171 19.23 10.81 14.20
CA HIS C 171 19.44 11.33 15.55
C HIS C 171 18.69 12.65 15.67
N ASP C 172 17.37 12.54 15.83
CA ASP C 172 16.48 13.67 15.98
C ASP C 172 15.18 13.15 16.60
N SER C 173 14.49 14.02 17.34
CA SER C 173 13.21 13.69 17.95
C SER C 173 12.74 14.87 18.80
N LEU C 174 11.44 14.88 19.09
CA LEU C 174 10.87 15.87 20.00
C LEU C 174 11.34 15.68 21.44
N THR C 175 11.93 14.53 21.76
CA THR C 175 12.51 14.31 23.07
C THR C 175 13.84 15.02 23.20
N PRO C 176 14.30 15.29 24.44
CA PRO C 176 15.56 16.05 24.59
C PRO C 176 16.81 15.28 24.17
N ALA C 177 16.71 13.98 23.93
CA ALA C 177 17.88 13.16 23.59
C ALA C 177 18.51 13.61 22.26
N ILE D 8 19.69 22.78 10.02
CA ILE D 8 20.57 21.62 9.93
C ILE D 8 21.17 21.52 8.52
N GLN D 9 20.32 21.13 7.57
CA GLN D 9 20.71 21.04 6.16
C GLN D 9 19.98 22.13 5.39
N THR D 10 20.73 22.93 4.64
CA THR D 10 20.18 24.00 3.83
C THR D 10 20.11 23.56 2.37
N PHE D 11 19.49 24.41 1.54
CA PHE D 11 19.28 24.08 0.12
C PHE D 11 20.55 24.24 -0.72
N GLU D 12 21.69 23.76 -0.23
CA GLU D 12 22.90 23.71 -1.05
C GLU D 12 23.71 22.47 -0.70
N GLN D 13 23.87 22.20 0.60
CA GLN D 13 24.60 21.03 1.04
C GLN D 13 23.73 19.77 0.93
N MET D 14 24.38 18.65 0.61
CA MET D 14 23.70 17.38 0.43
C MET D 14 24.11 16.39 1.51
N LYS D 15 23.20 15.48 1.84
CA LYS D 15 23.42 14.41 2.80
C LYS D 15 23.66 13.09 2.07
N ASP D 16 24.24 12.14 2.79
CA ASP D 16 24.49 10.81 2.24
C ASP D 16 23.19 10.04 2.05
N ASN D 17 23.18 9.16 1.04
CA ASN D 17 22.04 8.33 0.71
C ASN D 17 22.24 6.91 1.23
N PRO D 18 21.18 6.27 1.71
CA PRO D 18 21.32 4.94 2.33
C PRO D 18 21.12 3.79 1.35
N ILE D 19 21.20 4.08 0.05
CA ILE D 19 20.87 3.11 -0.99
C ILE D 19 22.11 2.56 -1.69
N GLY D 20 23.27 3.18 -1.50
CA GLY D 20 24.48 2.72 -2.14
C GLY D 20 24.82 3.46 -3.41
N LEU D 21 24.15 4.57 -3.69
CA LEU D 21 24.49 5.42 -4.82
C LEU D 21 25.48 6.49 -4.37
N GLU D 22 26.33 6.91 -5.30
CA GLU D 22 27.37 7.88 -4.98
C GLU D 22 26.86 9.30 -5.20
N MET D 23 27.34 10.22 -4.36
CA MET D 23 26.94 11.62 -4.45
C MET D 23 27.19 12.21 -5.82
N ASN D 24 28.19 11.69 -6.54
CA ASN D 24 28.39 12.01 -7.95
C ASN D 24 27.09 11.91 -8.74
N VAL D 25 26.28 10.90 -8.44
CA VAL D 25 25.01 10.69 -9.11
C VAL D 25 23.87 11.40 -8.38
N THR D 26 23.93 11.38 -7.04
CA THR D 26 22.85 11.92 -6.23
C THR D 26 22.65 13.42 -6.47
N THR D 27 23.76 14.18 -6.51
CA THR D 27 23.66 15.62 -6.71
C THR D 27 22.92 15.93 -8.01
N ALA D 28 23.33 15.29 -9.11
CA ALA D 28 22.74 15.56 -10.41
C ALA D 28 21.25 15.17 -10.43
N VAL D 29 20.93 13.96 -9.95
CA VAL D 29 19.54 13.53 -10.05
C VAL D 29 18.64 14.38 -9.15
N CYS D 30 19.17 14.88 -8.02
CA CYS D 30 18.34 15.68 -7.13
C CYS D 30 18.14 17.10 -7.63
N GLU D 31 19.12 17.68 -8.34
CA GLU D 31 18.87 19.00 -8.91
C GLU D 31 17.93 18.90 -10.11
N GLY D 32 18.05 17.85 -10.91
CA GLY D 32 17.02 17.58 -11.91
C GLY D 32 15.66 17.41 -11.26
N PHE D 33 15.62 16.69 -10.13
CA PHE D 33 14.39 16.49 -9.36
C PHE D 33 13.80 17.81 -8.90
N ASN D 34 14.65 18.72 -8.40
CA ASN D 34 14.15 19.99 -7.89
C ASN D 34 13.58 20.84 -9.01
N ILE D 35 14.26 20.85 -10.16
CA ILE D 35 13.70 21.55 -11.33
C ILE D 35 12.32 20.99 -11.67
N VAL D 36 12.22 19.66 -11.74
CA VAL D 36 10.94 19.05 -12.10
C VAL D 36 9.87 19.35 -11.05
N LEU D 37 10.26 19.38 -9.78
CA LEU D 37 9.29 19.64 -8.71
C LEU D 37 8.77 21.07 -8.76
N ALA D 38 9.65 22.04 -8.97
CA ALA D 38 9.21 23.42 -9.13
C ALA D 38 8.26 23.54 -10.31
N SER D 39 8.60 22.90 -11.44
CA SER D 39 7.74 22.93 -12.60
C SER D 39 6.35 22.36 -12.29
N PHE D 40 6.31 21.22 -11.62
CA PHE D 40 5.03 20.57 -11.35
C PHE D 40 4.22 21.31 -10.30
N GLN D 41 4.87 21.99 -9.36
CA GLN D 41 4.13 22.80 -8.39
C GLN D 41 3.50 24.01 -9.08
N ALA D 42 4.25 24.66 -9.98
CA ALA D 42 3.67 25.73 -10.77
C ALA D 42 2.45 25.24 -11.57
N LEU D 43 2.57 24.06 -12.19
CA LEU D 43 1.44 23.54 -12.96
C LEU D 43 0.26 23.15 -12.06
N TYR D 44 0.54 22.66 -10.85
CA TYR D 44 -0.56 22.35 -9.93
C TYR D 44 -1.33 23.60 -9.57
N LEU D 45 -0.60 24.67 -9.22
CA LEU D 45 -1.27 25.94 -8.90
C LEU D 45 -2.05 26.46 -10.09
N GLN D 46 -1.48 26.33 -11.30
CA GLN D 46 -2.18 26.81 -12.49
C GLN D 46 -3.46 26.03 -12.74
N TYR D 47 -3.39 24.70 -12.67
CA TYR D 47 -4.58 23.88 -12.89
C TYR D 47 -5.64 24.15 -11.83
N GLN D 48 -5.21 24.42 -10.59
CA GLN D 48 -6.18 24.75 -9.55
C GLN D 48 -6.87 26.08 -9.82
N LYS D 49 -6.10 27.10 -10.20
CA LYS D 49 -6.70 28.38 -10.58
C LYS D 49 -7.66 28.20 -11.76
N HIS D 50 -7.29 27.34 -12.71
CA HIS D 50 -8.14 27.10 -13.88
C HIS D 50 -9.44 26.43 -13.46
N HIS D 51 -9.37 25.46 -12.55
CA HIS D 51 -10.59 24.87 -12.00
C HIS D 51 -11.44 25.92 -11.30
N PHE D 52 -10.78 26.89 -10.66
CA PHE D 52 -11.52 27.90 -9.92
C PHE D 52 -12.28 28.85 -10.84
N VAL D 53 -11.61 29.38 -11.87
CA VAL D 53 -12.10 30.54 -12.60
C VAL D 53 -12.68 30.21 -13.96
N VAL D 54 -12.67 28.94 -14.38
CA VAL D 54 -13.19 28.61 -15.70
C VAL D 54 -14.69 28.84 -15.73
N GLU D 55 -15.20 29.24 -16.89
CA GLU D 55 -16.63 29.48 -17.07
C GLU D 55 -16.94 29.41 -18.57
N GLY D 56 -18.24 29.47 -18.88
CA GLY D 56 -18.65 29.49 -20.27
C GLY D 56 -19.58 28.36 -20.67
N SER D 57 -19.63 28.07 -21.97
CA SER D 57 -20.56 27.06 -22.46
C SER D 57 -20.09 25.65 -22.12
N GLU D 58 -18.79 25.38 -22.27
CA GLU D 58 -18.19 24.10 -21.89
C GLU D 58 -17.54 24.15 -20.51
N PHE D 59 -18.11 24.92 -19.60
CA PHE D 59 -17.45 25.21 -18.34
C PHE D 59 -17.28 23.96 -17.47
N TYR D 60 -18.26 23.05 -17.52
CA TYR D 60 -18.22 21.88 -16.65
C TYR D 60 -17.08 20.94 -17.04
N GLN D 61 -16.95 20.66 -18.34
CA GLN D 61 -15.85 19.86 -18.85
C GLN D 61 -14.51 20.33 -18.28
N LEU D 62 -14.22 21.62 -18.46
CA LEU D 62 -12.91 22.14 -18.09
C LEU D 62 -12.76 22.22 -16.58
N HIS D 63 -13.83 22.58 -15.87
CA HIS D 63 -13.86 22.48 -14.41
C HIS D 63 -13.29 21.14 -13.94
N GLU D 64 -13.97 20.06 -14.33
CA GLU D 64 -13.59 18.75 -13.81
C GLU D 64 -12.24 18.29 -14.35
N PHE D 65 -11.93 18.59 -15.62
CA PHE D 65 -10.65 18.17 -16.18
C PHE D 65 -9.49 18.87 -15.48
N PHE D 66 -9.60 20.19 -15.29
CA PHE D 66 -8.58 20.94 -14.57
C PHE D 66 -8.36 20.37 -13.18
N SER D 67 -9.46 20.04 -12.47
CA SER D 67 -9.28 19.55 -11.11
C SER D 67 -8.60 18.17 -11.09
N GLU D 68 -9.02 17.27 -11.99
CA GLU D 68 -8.40 15.95 -12.01
C GLU D 68 -6.92 16.01 -12.36
N SER D 69 -6.55 16.88 -13.31
CA SER D 69 -5.12 16.99 -13.67
C SER D 69 -4.31 17.71 -12.60
N TYR D 70 -4.93 18.63 -11.83
CA TYR D 70 -4.14 19.22 -10.75
C TYR D 70 -3.90 18.20 -9.64
N ASP D 71 -4.84 17.29 -9.42
CA ASP D 71 -4.51 16.25 -8.46
C ASP D 71 -3.50 15.24 -9.01
N GLU D 72 -3.50 14.99 -10.32
CA GLU D 72 -2.47 14.13 -10.90
C GLU D 72 -1.08 14.73 -10.74
N VAL D 73 -0.92 16.02 -11.08
CA VAL D 73 0.39 16.65 -10.95
C VAL D 73 0.78 16.78 -9.48
N GLN D 74 -0.23 16.86 -8.62
CA GLN D 74 -0.01 16.89 -7.15
C GLN D 74 0.65 15.56 -6.78
N GLY D 75 0.06 14.44 -7.22
CA GLY D 75 0.66 13.14 -7.00
C GLY D 75 2.09 13.06 -7.51
N HIS D 76 2.33 13.67 -8.67
CA HIS D 76 3.70 13.74 -9.20
C HIS D 76 4.64 14.41 -8.21
N VAL D 77 4.20 15.51 -7.60
CA VAL D 77 5.12 16.22 -6.70
C VAL D 77 5.34 15.43 -5.42
N HIS D 78 4.32 14.75 -4.88
CA HIS D 78 4.59 13.91 -3.70
C HIS D 78 5.60 12.81 -4.04
N GLU D 79 5.39 12.14 -5.18
CA GLU D 79 6.29 11.05 -5.57
C GLU D 79 7.73 11.55 -5.71
N ILE D 80 7.93 12.55 -6.56
CA ILE D 80 9.28 13.02 -6.84
C ILE D 80 9.91 13.63 -5.59
N GLY D 81 9.11 14.31 -4.76
CA GLY D 81 9.67 14.90 -3.56
C GLY D 81 10.13 13.87 -2.56
N GLU D 82 9.33 12.82 -2.35
CA GLU D 82 9.76 11.79 -1.40
C GLU D 82 10.98 11.06 -1.90
N ARG D 83 11.05 10.74 -3.20
CA ARG D 83 12.27 10.13 -3.70
C ARG D 83 13.46 11.07 -3.56
N LEU D 84 13.29 12.34 -3.96
CA LEU D 84 14.34 13.34 -3.84
C LEU D 84 14.90 13.39 -2.43
N ASN D 85 14.03 13.43 -1.44
CA ASN D 85 14.53 13.43 -0.06
C ASN D 85 15.25 12.11 0.17
N GLY D 86 14.74 11.00 -0.36
CA GLY D 86 15.40 9.73 -0.17
C GLY D 86 16.86 9.74 -0.61
N LEU D 87 17.16 10.40 -1.73
CA LEU D 87 18.54 10.48 -2.20
C LEU D 87 19.43 11.29 -1.26
N GLY D 88 18.85 12.14 -0.43
CA GLY D 88 19.62 13.00 0.46
C GLY D 88 19.60 14.47 0.11
N GLY D 89 18.80 14.88 -0.88
CA GLY D 89 18.70 16.27 -1.26
C GLY D 89 17.66 16.99 -0.42
N VAL D 90 17.40 18.24 -0.82
CA VAL D 90 16.44 19.08 -0.11
C VAL D 90 15.46 19.65 -1.12
N PRO D 91 14.16 19.50 -0.88
CA PRO D 91 13.18 19.95 -1.88
C PRO D 91 12.84 21.43 -1.78
N VAL D 92 12.52 22.00 -2.94
CA VAL D 92 12.16 23.40 -3.05
C VAL D 92 10.74 23.61 -2.56
N ALA D 93 10.46 24.75 -1.95
CA ALA D 93 9.14 24.98 -1.37
C ALA D 93 8.71 26.45 -1.43
N SER D 94 9.57 27.37 -1.00
CA SER D 94 9.18 28.77 -0.98
C SER D 94 9.06 29.32 -2.40
N PHE D 95 8.32 30.43 -2.51
CA PHE D 95 7.96 30.95 -3.83
C PHE D 95 9.15 31.52 -4.56
N SER D 96 10.14 32.04 -3.84
CA SER D 96 11.37 32.55 -4.45
C SER D 96 11.99 31.51 -5.39
N LYS D 97 12.39 30.37 -4.83
CA LYS D 97 13.06 29.34 -5.60
C LYS D 97 12.12 28.57 -6.51
N LEU D 98 10.82 28.50 -6.19
CA LEU D 98 9.88 27.91 -7.13
C LEU D 98 9.75 28.74 -8.40
N ALA D 99 9.81 30.08 -8.27
CA ALA D 99 9.79 30.93 -9.45
C ALA D 99 11.14 30.91 -10.18
N GLU D 100 12.24 30.88 -9.43
CA GLU D 100 13.55 30.78 -10.05
C GLU D 100 13.68 29.50 -10.86
N LEU D 101 13.45 28.36 -10.22
CA LEU D 101 13.79 27.03 -10.74
C LEU D 101 12.69 26.42 -11.61
N CYS D 102 11.62 27.16 -11.91
CA CYS D 102 10.51 26.58 -12.66
C CYS D 102 10.85 26.47 -14.14
N CYS D 103 10.38 25.38 -14.75
CA CYS D 103 10.77 25.07 -16.13
C CYS D 103 10.17 26.05 -17.13
N PHE D 104 8.93 26.45 -16.92
CA PHE D 104 8.21 27.28 -17.87
C PHE D 104 7.81 28.61 -17.23
N THR D 105 7.22 29.48 -18.04
CA THR D 105 6.74 30.77 -17.55
C THR D 105 5.31 30.59 -17.05
N PRO D 106 5.04 30.74 -15.76
CA PRO D 106 3.68 30.57 -15.26
C PRO D 106 2.74 31.64 -15.81
N GLU D 107 1.46 31.31 -15.80
CA GLU D 107 0.45 32.22 -16.31
C GLU D 107 0.31 33.42 -15.36
N PRO D 108 0.22 34.63 -15.89
CA PRO D 108 -0.01 35.80 -15.03
C PRO D 108 -1.40 35.76 -14.41
N ASP D 109 -1.60 36.61 -13.41
CA ASP D 109 -2.83 36.58 -12.62
C ASP D 109 -3.99 37.23 -13.37
N GLY D 110 -5.20 36.82 -13.01
CA GLY D 110 -6.41 37.24 -13.69
C GLY D 110 -7.04 36.08 -14.42
N VAL D 111 -8.34 36.13 -14.66
CA VAL D 111 -9.04 35.04 -15.36
C VAL D 111 -8.89 35.26 -16.86
N PHE D 112 -8.29 34.29 -17.53
CA PHE D 112 -8.06 34.36 -18.96
C PHE D 112 -9.11 33.53 -19.70
N SER D 113 -9.08 33.62 -21.03
CA SER D 113 -10.03 32.90 -21.88
C SER D 113 -9.94 31.41 -21.61
N CYS D 114 -10.97 30.68 -22.05
CA CYS D 114 -10.90 29.22 -21.97
C CYS D 114 -9.76 28.70 -22.83
N ARG D 115 -9.80 29.02 -24.13
CA ARG D 115 -8.72 28.75 -25.06
C ARG D 115 -7.36 29.06 -24.48
N ALA D 116 -7.20 30.26 -23.92
CA ALA D 116 -5.88 30.75 -23.54
C ALA D 116 -5.24 29.85 -22.50
N MET D 117 -5.97 29.52 -21.43
CA MET D 117 -5.36 28.76 -20.34
C MET D 117 -5.29 27.26 -20.64
N VAL D 118 -6.17 26.75 -21.51
CA VAL D 118 -5.94 25.40 -22.02
C VAL D 118 -4.63 25.35 -22.79
N GLU D 119 -4.41 26.32 -23.69
CA GLU D 119 -3.15 26.42 -24.40
C GLU D 119 -1.96 26.62 -23.46
N HIS D 120 -2.10 27.44 -22.42
CA HIS D 120 -1.03 27.65 -21.45
C HIS D 120 -0.65 26.34 -20.78
N ASP D 121 -1.66 25.55 -20.40
CA ASP D 121 -1.40 24.24 -19.81
C ASP D 121 -0.66 23.34 -20.79
N LEU D 122 -1.05 23.39 -22.07
CA LEU D 122 -0.32 22.63 -23.08
C LEU D 122 1.16 23.05 -23.13
N SER D 123 1.41 24.35 -23.10
CA SER D 123 2.78 24.86 -23.08
C SER D 123 3.58 24.28 -21.91
N ALA D 124 3.02 24.42 -20.71
CA ALA D 124 3.70 23.95 -19.50
C ALA D 124 3.99 22.46 -19.59
N GLU D 125 2.98 21.68 -19.97
CA GLU D 125 3.16 20.23 -20.08
C GLU D 125 4.26 19.88 -21.08
N GLN D 126 4.28 20.56 -22.23
CA GLN D 126 5.27 20.25 -23.26
C GLN D 126 6.69 20.48 -22.76
N GLU D 127 6.94 21.62 -22.13
CA GLU D 127 8.33 21.87 -21.78
C GLU D 127 8.76 21.10 -20.52
N ILE D 128 7.83 20.80 -19.61
CA ILE D 128 8.14 19.86 -18.53
C ILE D 128 8.46 18.48 -19.11
N ILE D 129 7.77 18.10 -20.19
CA ILE D 129 8.08 16.84 -20.86
C ILE D 129 9.51 16.86 -21.39
N LYS D 130 9.90 17.98 -22.00
CA LYS D 130 11.28 18.13 -22.47
C LYS D 130 12.28 17.85 -21.35
N VAL D 131 12.13 18.58 -20.25
CA VAL D 131 13.04 18.41 -19.11
C VAL D 131 13.03 16.96 -18.64
N ILE D 132 11.84 16.39 -18.46
CA ILE D 132 11.71 15.05 -17.91
C ILE D 132 12.42 14.04 -18.79
N ARG D 133 12.21 14.10 -20.10
CA ARG D 133 12.79 13.10 -20.98
C ARG D 133 14.32 13.18 -21.00
N ARG D 134 14.87 14.38 -21.20
CA ARG D 134 16.33 14.40 -21.32
C ARG D 134 17.02 14.15 -19.99
N GLN D 135 16.44 14.60 -18.87
CA GLN D 135 17.07 14.29 -17.60
C GLN D 135 16.80 12.85 -17.16
N ALA D 136 15.78 12.18 -17.71
CA ALA D 136 15.65 10.74 -17.51
C ALA D 136 16.74 9.98 -18.25
N GLY D 137 17.07 10.43 -19.47
CA GLY D 137 18.25 9.92 -20.12
C GLY D 137 19.50 10.10 -19.26
N GLN D 138 19.66 11.28 -18.67
CA GLN D 138 20.76 11.50 -17.74
C GLN D 138 20.74 10.48 -16.60
N ALA D 139 19.58 10.28 -16.00
CA ALA D 139 19.46 9.32 -14.89
C ALA D 139 19.86 7.92 -15.33
N GLU D 140 19.53 7.54 -16.56
CA GLU D 140 19.98 6.24 -17.06
C GLU D 140 21.51 6.20 -17.17
N SER D 141 22.12 7.27 -17.69
CA SER D 141 23.57 7.28 -17.84
C SER D 141 24.28 7.11 -16.50
N LEU D 142 23.66 7.56 -15.41
CA LEU D 142 24.29 7.53 -14.09
C LEU D 142 24.19 6.17 -13.41
N GLY D 143 23.48 5.21 -14.00
CA GLY D 143 23.36 3.89 -13.40
C GLY D 143 22.24 3.76 -12.39
N ASP D 144 21.35 4.74 -12.28
CA ASP D 144 20.21 4.70 -11.37
C ASP D 144 18.98 4.30 -12.18
N ARG D 145 18.59 3.02 -12.08
CA ARG D 145 17.48 2.52 -12.89
C ARG D 145 16.12 2.92 -12.32
N ALA D 146 16.01 2.98 -10.99
CA ALA D 146 14.71 3.19 -10.37
C ALA D 146 14.13 4.55 -10.74
N THR D 147 14.94 5.60 -10.71
CA THR D 147 14.43 6.92 -11.04
C THR D 147 14.17 7.07 -12.53
N ARG D 148 14.93 6.36 -13.38
CA ARG D 148 14.61 6.35 -14.80
C ARG D 148 13.24 5.73 -15.04
N HIS D 149 12.93 4.64 -14.32
CA HIS D 149 11.62 4.01 -14.44
C HIS D 149 10.51 4.93 -13.95
N LEU D 150 10.70 5.54 -12.77
CA LEU D 150 9.73 6.51 -12.26
C LEU D 150 9.53 7.65 -13.25
N TYR D 151 10.62 8.11 -13.85
CA TYR D 151 10.54 9.19 -14.83
C TYR D 151 9.72 8.78 -16.04
N GLU D 152 9.88 7.54 -16.49
CA GLU D 152 9.12 7.11 -17.66
C GLU D 152 7.63 6.99 -17.34
N LYS D 153 7.28 6.59 -16.12
CA LYS D 153 5.86 6.57 -15.76
C LYS D 153 5.27 7.99 -15.71
N ILE D 154 6.01 8.92 -15.09
CA ILE D 154 5.53 10.30 -15.03
C ILE D 154 5.44 10.90 -16.43
N LEU D 155 6.41 10.58 -17.29
CA LEU D 155 6.40 11.04 -18.67
C LEU D 155 5.21 10.49 -19.43
N LEU D 156 4.89 9.22 -19.23
CA LEU D 156 3.70 8.62 -19.83
C LEU D 156 2.45 9.41 -19.44
N GLU D 157 2.27 9.64 -18.13
CA GLU D 157 1.03 10.29 -17.69
C GLU D 157 0.96 11.74 -18.17
N SER D 158 2.09 12.44 -18.18
CA SER D 158 2.06 13.83 -18.63
C SER D 158 1.90 13.94 -20.14
N GLU D 159 2.43 12.99 -20.92
CA GLU D 159 2.15 12.96 -22.34
C GLU D 159 0.68 12.69 -22.59
N ASP D 160 0.05 11.85 -21.77
CA ASP D 160 -1.40 11.66 -21.87
C ASP D 160 -2.15 12.95 -21.59
N ARG D 161 -1.74 13.68 -20.54
CA ARG D 161 -2.37 14.96 -20.25
C ARG D 161 -2.23 15.94 -21.41
N ALA D 162 -1.04 15.99 -22.01
CA ALA D 162 -0.81 16.84 -23.17
C ALA D 162 -1.71 16.43 -24.33
N PHE D 163 -1.90 15.13 -24.53
CA PHE D 163 -2.82 14.64 -25.56
C PHE D 163 -4.23 15.17 -25.33
N HIS D 164 -4.70 15.09 -24.08
CA HIS D 164 -6.08 15.49 -23.82
C HIS D 164 -6.27 16.99 -23.96
N LEU D 165 -5.29 17.79 -23.55
CA LEU D 165 -5.36 19.23 -23.78
C LEU D 165 -5.34 19.54 -25.28
N SER D 166 -4.38 18.95 -26.00
CA SER D 166 -4.31 19.03 -27.45
C SER D 166 -5.67 18.81 -28.10
N HIS D 167 -6.39 17.79 -27.65
CA HIS D 167 -7.70 17.51 -28.22
C HIS D 167 -8.73 18.52 -27.76
N PHE D 168 -8.57 19.07 -26.55
CA PHE D 168 -9.45 20.15 -26.11
C PHE D 168 -9.39 21.35 -27.04
N LEU D 169 -8.23 21.63 -27.63
CA LEU D 169 -8.11 22.80 -28.50
C LEU D 169 -8.20 22.48 -29.99
N ALA D 170 -8.76 21.32 -30.36
CA ALA D 170 -8.88 20.98 -31.77
C ALA D 170 -9.93 21.86 -32.46
N HIS D 171 -9.74 22.07 -33.76
CA HIS D 171 -10.67 22.87 -34.55
C HIS D 171 -11.82 22.00 -35.05
N ASP D 172 -12.71 21.66 -34.13
CA ASP D 172 -13.87 20.84 -34.43
C ASP D 172 -14.93 21.08 -33.36
N SER D 173 -16.19 20.86 -33.73
CA SER D 173 -17.30 21.08 -32.81
C SER D 173 -18.59 20.56 -33.46
N LEU D 174 -19.59 20.35 -32.62
CA LEU D 174 -20.95 20.11 -33.11
C LEU D 174 -21.63 21.41 -33.51
N THR D 175 -21.10 22.55 -33.06
CA THR D 175 -21.55 23.84 -33.57
C THR D 175 -20.96 24.05 -34.95
N PRO D 176 -21.79 24.15 -36.00
CA PRO D 176 -21.28 24.13 -37.36
C PRO D 176 -20.32 25.27 -37.65
N ALA D 177 -19.52 25.09 -38.70
CA ALA D 177 -18.52 26.06 -39.11
C ALA D 177 -19.16 27.23 -39.87
N PRO E 7 -6.22 38.81 -21.25
CA PRO E 7 -6.63 39.11 -19.87
C PRO E 7 -8.03 39.71 -19.79
N ILE E 8 -9.04 38.85 -19.62
CA ILE E 8 -10.42 39.32 -19.54
C ILE E 8 -10.63 40.12 -18.27
N GLN E 9 -10.26 39.56 -17.13
CA GLN E 9 -10.33 40.24 -15.84
C GLN E 9 -9.01 40.02 -15.12
N THR E 10 -8.57 41.04 -14.37
CA THR E 10 -7.32 40.99 -13.64
C THR E 10 -7.57 41.16 -12.14
N PHE E 11 -6.50 41.05 -11.36
CA PHE E 11 -6.61 40.86 -9.92
C PHE E 11 -6.89 42.15 -9.16
N GLU E 12 -7.55 43.11 -9.80
CA GLU E 12 -8.11 44.25 -9.09
C GLU E 12 -9.51 44.60 -9.54
N GLN E 13 -9.88 44.28 -10.78
CA GLN E 13 -11.25 44.50 -11.26
C GLN E 13 -12.17 43.49 -10.61
N MET E 14 -13.22 43.98 -9.95
CA MET E 14 -14.22 43.13 -9.33
C MET E 14 -15.49 43.12 -10.19
N LYS E 15 -16.13 41.97 -10.26
CA LYS E 15 -17.30 41.78 -11.11
C LYS E 15 -18.51 41.39 -10.26
N ASP E 16 -19.68 41.49 -10.88
CA ASP E 16 -20.94 41.28 -10.17
C ASP E 16 -21.06 39.85 -9.66
N ASN E 17 -21.91 39.68 -8.63
CA ASN E 17 -22.19 38.38 -8.04
C ASN E 17 -23.61 37.94 -8.40
N PRO E 18 -23.83 36.66 -8.68
CA PRO E 18 -25.17 36.19 -9.06
C PRO E 18 -26.07 35.79 -7.89
N ILE E 19 -25.71 36.12 -6.66
CA ILE E 19 -26.50 35.76 -5.49
C ILE E 19 -27.15 36.96 -4.84
N GLY E 20 -26.92 38.17 -5.33
CA GLY E 20 -27.61 39.33 -4.83
C GLY E 20 -26.91 40.11 -3.74
N LEU E 21 -25.58 40.07 -3.70
CA LEU E 21 -24.80 40.84 -2.74
C LEU E 21 -24.32 42.14 -3.37
N GLU E 22 -24.15 43.16 -2.54
CA GLU E 22 -23.66 44.44 -3.00
C GLU E 22 -22.15 44.44 -3.11
N MET E 23 -21.63 45.31 -3.99
CA MET E 23 -20.22 45.20 -4.40
C MET E 23 -19.26 45.52 -3.26
N ASN E 24 -19.68 46.32 -2.28
CA ASN E 24 -18.79 46.63 -1.16
C ASN E 24 -18.43 45.37 -0.38
N VAL E 25 -19.44 44.58 -0.01
CA VAL E 25 -19.20 43.35 0.73
C VAL E 25 -18.47 42.35 -0.15
N THR E 26 -18.76 42.36 -1.45
CA THR E 26 -18.01 41.52 -2.39
C THR E 26 -16.52 41.80 -2.29
N THR E 27 -16.14 43.06 -2.53
CA THR E 27 -14.73 43.44 -2.51
C THR E 27 -14.07 43.09 -1.18
N ALA E 28 -14.71 43.46 -0.06
CA ALA E 28 -14.11 43.23 1.24
C ALA E 28 -13.92 41.75 1.52
N VAL E 29 -15.01 40.98 1.45
CA VAL E 29 -14.92 39.55 1.76
C VAL E 29 -13.94 38.86 0.83
N CYS E 30 -13.83 39.33 -0.43
CA CYS E 30 -12.98 38.61 -1.38
C CYS E 30 -11.49 38.92 -1.24
N GLU E 31 -11.11 40.15 -0.88
CA GLU E 31 -9.68 40.35 -0.60
C GLU E 31 -9.28 39.69 0.72
N GLY E 32 -10.22 39.60 1.68
CA GLY E 32 -9.95 38.74 2.83
C GLY E 32 -9.77 37.29 2.45
N PHE E 33 -10.67 36.79 1.57
CA PHE E 33 -10.55 35.46 1.01
C PHE E 33 -9.17 35.22 0.44
N ASN E 34 -8.68 36.15 -0.37
CA ASN E 34 -7.41 35.95 -1.04
C ASN E 34 -6.24 35.99 -0.06
N ILE E 35 -6.30 36.88 0.94
CA ILE E 35 -5.27 36.89 1.98
C ILE E 35 -5.14 35.50 2.60
N VAL E 36 -6.25 35.00 3.15
CA VAL E 36 -6.13 33.76 3.89
C VAL E 36 -5.98 32.54 2.96
N LEU E 37 -6.37 32.65 1.68
CA LEU E 37 -6.08 31.57 0.75
C LEU E 37 -4.60 31.49 0.45
N ALA E 38 -3.95 32.63 0.20
CA ALA E 38 -2.50 32.63 -0.01
C ALA E 38 -1.80 32.08 1.22
N SER E 39 -2.24 32.50 2.40
CA SER E 39 -1.70 31.96 3.64
C SER E 39 -1.89 30.44 3.72
N PHE E 40 -3.08 29.96 3.35
CA PHE E 40 -3.36 28.54 3.43
C PHE E 40 -2.52 27.74 2.44
N GLN E 41 -2.30 28.29 1.24
CA GLN E 41 -1.46 27.60 0.26
C GLN E 41 -0.02 27.52 0.75
N ALA E 42 0.50 28.62 1.30
CA ALA E 42 1.85 28.58 1.86
C ALA E 42 1.95 27.54 2.97
N LEU E 43 0.95 27.51 3.86
CA LEU E 43 0.95 26.52 4.93
C LEU E 43 0.85 25.11 4.39
N TYR E 44 0.09 24.93 3.31
CA TYR E 44 -0.04 23.63 2.68
C TYR E 44 1.31 23.14 2.17
N LEU E 45 2.03 24.01 1.46
CA LEU E 45 3.33 23.60 0.93
C LEU E 45 4.35 23.39 2.05
N GLN E 46 4.26 24.17 3.13
CA GLN E 46 5.12 23.94 4.28
C GLN E 46 4.85 22.57 4.89
N TYR E 47 3.57 22.23 5.10
CA TYR E 47 3.22 20.91 5.60
C TYR E 47 3.70 19.81 4.65
N GLN E 48 3.62 20.06 3.35
CA GLN E 48 4.00 19.03 2.38
C GLN E 48 5.50 18.73 2.46
N LYS E 49 6.34 19.77 2.44
CA LYS E 49 7.77 19.51 2.52
C LYS E 49 8.18 19.05 3.91
N HIS E 50 7.42 19.41 4.94
CA HIS E 50 7.66 18.82 6.24
C HIS E 50 7.37 17.32 6.23
N HIS E 51 6.28 16.91 5.56
CA HIS E 51 6.03 15.49 5.32
C HIS E 51 7.22 14.86 4.60
N PHE E 52 7.85 15.63 3.69
CA PHE E 52 9.00 15.10 2.95
C PHE E 52 10.20 14.87 3.87
N VAL E 53 10.54 15.85 4.71
CA VAL E 53 11.87 15.95 5.29
C VAL E 53 11.91 15.60 6.78
N VAL E 54 10.78 15.25 7.40
CA VAL E 54 10.80 14.93 8.82
C VAL E 54 11.42 13.55 9.03
N GLU E 55 12.19 13.41 10.11
CA GLU E 55 12.78 12.13 10.47
C GLU E 55 12.95 12.10 11.99
N GLY E 56 13.38 10.94 12.49
CA GLY E 56 13.73 10.80 13.89
C GLY E 56 13.03 9.62 14.52
N SER E 57 12.94 9.66 15.85
CA SER E 57 12.32 8.56 16.59
C SER E 57 10.82 8.51 16.33
N GLU E 58 10.17 9.67 16.31
CA GLU E 58 8.73 9.76 16.13
C GLU E 58 8.33 10.06 14.70
N PHE E 59 9.23 9.80 13.75
CA PHE E 59 9.05 10.19 12.34
C PHE E 59 7.81 9.63 11.65
N TYR E 60 7.23 8.54 12.13
CA TYR E 60 6.03 7.97 11.51
C TYR E 60 4.79 8.78 11.87
N GLN E 61 4.64 9.09 13.16
CA GLN E 61 3.54 9.93 13.62
C GLN E 61 3.51 11.24 12.85
N LEU E 62 4.64 11.93 12.77
CA LEU E 62 4.66 13.24 12.11
C LEU E 62 4.47 13.10 10.61
N HIS E 63 5.03 12.05 10.02
CA HIS E 63 4.86 11.76 8.56
C HIS E 63 3.37 11.74 8.27
N GLU E 64 2.63 10.98 9.06
CA GLU E 64 1.19 10.87 8.88
C GLU E 64 0.49 12.20 9.15
N PHE E 65 0.88 12.88 10.23
CA PHE E 65 0.18 14.10 10.65
C PHE E 65 0.37 15.21 9.64
N PHE E 66 1.62 15.49 9.27
CA PHE E 66 1.96 16.43 8.21
C PHE E 66 1.13 16.16 6.95
N SER E 67 1.07 14.90 6.52
CA SER E 67 0.38 14.60 5.26
C SER E 67 -1.12 14.88 5.37
N GLU E 68 -1.75 14.43 6.47
CA GLU E 68 -3.17 14.71 6.64
C GLU E 68 -3.44 16.20 6.73
N SER E 69 -2.53 16.95 7.37
CA SER E 69 -2.71 18.39 7.51
C SER E 69 -2.63 19.08 6.15
N TYR E 70 -1.67 18.71 5.31
CA TYR E 70 -1.61 19.37 4.01
C TYR E 70 -2.75 18.94 3.10
N ASP E 71 -3.37 17.79 3.37
CA ASP E 71 -4.58 17.47 2.60
C ASP E 71 -5.78 18.30 3.07
N GLU E 72 -5.93 18.47 4.39
CA GLU E 72 -7.06 19.24 4.90
C GLU E 72 -6.95 20.72 4.51
N VAL E 73 -5.73 21.28 4.55
CA VAL E 73 -5.57 22.66 4.12
C VAL E 73 -5.84 22.80 2.63
N GLN E 74 -5.52 21.76 1.85
CA GLN E 74 -5.90 21.75 0.44
C GLN E 74 -7.41 21.84 0.28
N GLY E 75 -8.14 21.10 1.10
CA GLY E 75 -9.59 21.23 1.10
C GLY E 75 -10.04 22.65 1.41
N HIS E 76 -9.45 23.26 2.43
CA HIS E 76 -9.73 24.66 2.76
C HIS E 76 -9.49 25.56 1.56
N VAL E 77 -8.38 25.35 0.86
CA VAL E 77 -8.01 26.21 -0.26
C VAL E 77 -9.02 26.08 -1.39
N HIS E 78 -9.43 24.85 -1.71
CA HIS E 78 -10.43 24.68 -2.75
C HIS E 78 -11.74 25.36 -2.37
N GLU E 79 -12.15 25.22 -1.11
CA GLU E 79 -13.38 25.88 -0.66
C GLU E 79 -13.29 27.40 -0.86
N ILE E 80 -12.21 28.01 -0.34
CA ILE E 80 -12.09 29.46 -0.41
C ILE E 80 -11.98 29.93 -1.85
N GLY E 81 -11.27 29.18 -2.70
CA GLY E 81 -11.11 29.61 -4.08
C GLY E 81 -12.40 29.56 -4.86
N GLU E 82 -13.15 28.46 -4.73
CA GLU E 82 -14.43 28.36 -5.40
C GLU E 82 -15.39 29.44 -4.92
N ARG E 83 -15.49 29.62 -3.60
CA ARG E 83 -16.36 30.66 -3.06
C ARG E 83 -15.91 32.05 -3.51
N LEU E 84 -14.60 32.25 -3.64
CA LEU E 84 -14.06 33.57 -3.97
C LEU E 84 -14.39 33.96 -5.40
N ASN E 85 -14.20 33.05 -6.35
CA ASN E 85 -14.54 33.34 -7.77
C ASN E 85 -16.06 33.44 -7.87
N GLY E 86 -16.78 32.56 -7.17
CA GLY E 86 -18.22 32.64 -7.23
C GLY E 86 -18.73 34.00 -6.80
N LEU E 87 -18.11 34.59 -5.78
CA LEU E 87 -18.51 35.91 -5.33
C LEU E 87 -18.12 37.00 -6.33
N GLY E 88 -17.17 36.74 -7.21
CA GLY E 88 -16.84 37.70 -8.24
C GLY E 88 -15.40 38.17 -8.24
N GLY E 89 -14.59 37.59 -7.37
CA GLY E 89 -13.16 37.88 -7.32
C GLY E 89 -12.37 36.91 -8.18
N VAL E 90 -11.05 37.05 -8.10
CA VAL E 90 -10.15 36.15 -8.81
C VAL E 90 -9.07 35.66 -7.83
N PRO E 91 -8.90 34.36 -7.67
CA PRO E 91 -7.94 33.85 -6.68
C PRO E 91 -6.50 34.10 -7.12
N VAL E 92 -5.63 34.16 -6.11
CA VAL E 92 -4.20 34.34 -6.33
C VAL E 92 -3.57 33.01 -6.68
N ALA E 93 -2.65 33.03 -7.65
CA ALA E 93 -1.91 31.84 -8.05
C ALA E 93 -0.44 32.10 -8.36
N SER E 94 -0.06 33.33 -8.73
CA SER E 94 1.34 33.64 -8.99
C SER E 94 2.16 33.49 -7.72
N PHE E 95 3.41 33.05 -7.87
CA PHE E 95 4.29 32.89 -6.73
C PHE E 95 4.53 34.22 -6.02
N SER E 96 4.71 35.30 -6.77
CA SER E 96 5.05 36.58 -6.17
C SER E 96 3.90 37.12 -5.33
N LYS E 97 2.70 37.15 -5.90
CA LYS E 97 1.54 37.61 -5.15
C LYS E 97 1.28 36.72 -3.95
N LEU E 98 1.20 35.40 -4.19
CA LEU E 98 1.04 34.43 -3.11
C LEU E 98 2.01 34.70 -1.96
N ALA E 99 3.30 34.82 -2.27
CA ALA E 99 4.30 35.13 -1.26
C ALA E 99 3.94 36.41 -0.51
N GLU E 100 3.60 37.46 -1.25
CA GLU E 100 3.34 38.75 -0.61
C GLU E 100 2.17 38.68 0.36
N LEU E 101 1.01 38.20 -0.12
CA LEU E 101 -0.19 38.20 0.70
C LEU E 101 -0.25 37.04 1.70
N CYS E 102 0.81 36.26 1.82
CA CYS E 102 0.82 35.19 2.81
C CYS E 102 0.79 35.77 4.21
N CYS E 103 -0.06 35.19 5.07
CA CYS E 103 -0.28 35.76 6.41
C CYS E 103 0.99 35.76 7.24
N PHE E 104 1.79 34.71 7.12
CA PHE E 104 2.96 34.51 7.96
C PHE E 104 4.22 34.54 7.10
N THR E 105 5.36 34.45 7.78
CA THR E 105 6.63 34.28 7.08
C THR E 105 6.86 32.78 6.89
N PRO E 106 6.89 32.27 5.66
CA PRO E 106 7.14 30.85 5.46
C PRO E 106 8.51 30.45 5.98
N GLU E 107 8.61 29.20 6.42
CA GLU E 107 9.89 28.68 6.87
C GLU E 107 10.89 28.71 5.73
N PRO E 108 12.11 29.22 5.94
CA PRO E 108 13.11 29.21 4.87
C PRO E 108 13.49 27.80 4.47
N ASP E 109 13.68 27.61 3.17
CA ASP E 109 14.04 26.31 2.61
C ASP E 109 15.19 25.68 3.37
N GLY E 110 15.29 24.37 3.26
CA GLY E 110 16.27 23.59 3.98
C GLY E 110 15.66 22.84 5.13
N VAL E 111 16.36 21.80 5.56
CA VAL E 111 15.83 20.89 6.56
C VAL E 111 16.05 21.46 7.96
N PHE E 112 14.97 21.54 8.73
CA PHE E 112 14.98 21.96 10.12
C PHE E 112 14.71 20.76 11.01
N SER E 113 14.95 20.94 12.31
CA SER E 113 14.61 19.90 13.28
C SER E 113 13.11 19.68 13.31
N CYS E 114 12.70 18.44 13.61
CA CYS E 114 11.27 18.14 13.69
C CYS E 114 10.58 19.03 14.70
N ARG E 115 11.22 19.27 15.84
CA ARG E 115 10.75 20.24 16.83
C ARG E 115 10.47 21.59 16.18
N ALA E 116 11.48 22.15 15.53
CA ALA E 116 11.35 23.46 14.90
C ALA E 116 10.30 23.47 13.81
N MET E 117 10.16 22.37 13.07
CA MET E 117 9.14 22.31 12.02
C MET E 117 7.74 22.32 12.62
N VAL E 118 7.52 21.54 13.69
CA VAL E 118 6.24 21.54 14.36
C VAL E 118 5.90 22.94 14.87
N GLU E 119 6.90 23.63 15.42
CA GLU E 119 6.63 24.98 15.93
C GLU E 119 6.37 25.97 14.81
N HIS E 120 7.08 25.85 13.69
CA HIS E 120 6.81 26.69 12.52
C HIS E 120 5.36 26.50 12.05
N ASP E 121 4.93 25.25 11.94
CA ASP E 121 3.57 24.96 11.49
C ASP E 121 2.55 25.54 12.46
N LEU E 122 2.77 25.35 13.77
CA LEU E 122 1.83 25.86 14.75
C LEU E 122 1.75 27.39 14.74
N SER E 123 2.87 28.06 14.47
CA SER E 123 2.84 29.52 14.37
C SER E 123 2.10 29.99 13.12
N ALA E 124 2.35 29.31 11.99
CA ALA E 124 1.62 29.65 10.77
C ALA E 124 0.12 29.49 10.97
N GLU E 125 -0.28 28.39 11.62
CA GLU E 125 -1.71 28.16 11.83
C GLU E 125 -2.32 29.21 12.74
N GLN E 126 -1.60 29.65 13.77
CA GLN E 126 -2.16 30.67 14.66
C GLN E 126 -2.29 32.01 13.95
N GLU E 127 -1.29 32.38 13.14
CA GLU E 127 -1.41 33.60 12.35
C GLU E 127 -2.58 33.51 11.37
N ILE E 128 -2.85 32.31 10.84
CA ILE E 128 -3.98 32.17 9.92
C ILE E 128 -5.31 32.19 10.68
N ILE E 129 -5.35 31.56 11.85
CA ILE E 129 -6.54 31.60 12.69
C ILE E 129 -6.89 33.03 13.03
N LYS E 130 -5.89 33.88 13.25
CA LYS E 130 -6.14 35.29 13.50
C LYS E 130 -6.98 35.91 12.39
N VAL E 131 -6.48 35.78 11.14
CA VAL E 131 -7.18 36.37 10.01
C VAL E 131 -8.54 35.71 9.80
N ILE E 132 -8.66 34.42 10.11
CA ILE E 132 -9.93 33.74 9.93
C ILE E 132 -10.97 34.29 10.91
N ARG E 133 -10.60 34.38 12.19
CA ARG E 133 -11.50 35.00 13.16
C ARG E 133 -11.89 36.40 12.70
N ARG E 134 -10.91 37.21 12.32
CA ARG E 134 -11.18 38.60 11.95
C ARG E 134 -12.11 38.67 10.74
N GLN E 135 -11.76 37.96 9.68
CA GLN E 135 -12.57 37.95 8.46
C GLN E 135 -13.96 37.38 8.72
N ALA E 136 -14.10 36.48 9.69
CA ALA E 136 -15.43 36.01 10.07
C ALA E 136 -16.23 37.13 10.70
N GLY E 137 -15.62 37.86 11.64
CA GLY E 137 -16.28 39.04 12.18
C GLY E 137 -16.67 40.03 11.09
N GLN E 138 -15.76 40.28 10.15
CA GLN E 138 -16.03 41.16 9.02
C GLN E 138 -17.26 40.65 8.28
N ALA E 139 -17.11 39.51 7.61
CA ALA E 139 -18.19 38.92 6.82
C ALA E 139 -19.53 38.89 7.56
N GLU E 140 -19.50 38.72 8.88
CA GLU E 140 -20.76 38.79 9.62
C GLU E 140 -21.29 40.21 9.67
N SER E 141 -20.41 41.20 9.83
CA SER E 141 -20.87 42.59 9.86
C SER E 141 -21.45 43.00 8.51
N LEU E 142 -20.85 42.56 7.41
CA LEU E 142 -21.34 42.93 6.09
C LEU E 142 -22.55 42.13 5.63
N GLY E 143 -23.00 41.16 6.41
CA GLY E 143 -24.18 40.41 6.06
C GLY E 143 -23.95 39.23 5.14
N ASP E 144 -22.70 38.84 4.90
CA ASP E 144 -22.39 37.67 4.08
C ASP E 144 -22.41 36.45 4.99
N ARG E 145 -23.57 35.79 5.05
CA ARG E 145 -23.77 34.73 6.03
C ARG E 145 -23.09 33.43 5.61
N ALA E 146 -23.20 33.05 4.34
CA ALA E 146 -22.58 31.81 3.89
C ALA E 146 -21.06 31.87 4.01
N THR E 147 -20.47 33.02 3.67
CA THR E 147 -19.03 33.18 3.83
C THR E 147 -18.62 33.03 5.30
N ARG E 148 -19.39 33.66 6.19
CA ARG E 148 -19.11 33.60 7.64
C ARG E 148 -19.16 32.15 8.10
N HIS E 149 -20.18 31.40 7.67
CA HIS E 149 -20.35 29.99 8.02
C HIS E 149 -19.13 29.16 7.57
N LEU E 150 -18.74 29.34 6.30
CA LEU E 150 -17.54 28.71 5.78
C LEU E 150 -16.33 29.02 6.65
N TYR E 151 -16.14 30.31 6.96
CA TYR E 151 -15.05 30.76 7.81
C TYR E 151 -15.08 30.03 9.15
N GLU E 152 -16.27 29.84 9.72
CA GLU E 152 -16.37 29.19 11.02
C GLU E 152 -15.91 27.73 10.96
N LYS E 153 -16.31 27.03 9.91
CA LYS E 153 -15.90 25.62 9.74
C LYS E 153 -14.37 25.58 9.66
N ILE E 154 -13.79 26.26 8.70
CA ILE E 154 -12.35 26.30 8.48
C ILE E 154 -11.65 26.64 9.79
N LEU E 155 -12.20 27.60 10.53
CA LEU E 155 -11.58 28.03 11.78
C LEU E 155 -11.56 26.91 12.80
N LEU E 156 -12.70 26.23 13.00
CA LEU E 156 -12.75 25.21 14.04
C LEU E 156 -11.75 24.10 13.76
N GLU E 157 -11.71 23.61 12.52
CA GLU E 157 -10.77 22.51 12.30
C GLU E 157 -9.33 22.98 12.27
N SER E 158 -9.07 24.26 11.93
CA SER E 158 -7.72 24.81 12.12
C SER E 158 -7.35 24.86 13.59
N GLU E 159 -8.31 25.19 14.46
CA GLU E 159 -8.06 25.19 15.90
C GLU E 159 -7.77 23.78 16.39
N ASP E 160 -8.48 22.78 15.83
CA ASP E 160 -8.20 21.40 16.20
C ASP E 160 -6.80 20.97 15.76
N ARG E 161 -6.37 21.43 14.59
CA ARG E 161 -4.99 21.16 14.18
C ARG E 161 -4.01 21.82 15.13
N ALA E 162 -4.29 23.06 15.54
CA ALA E 162 -3.46 23.71 16.56
C ALA E 162 -3.42 22.87 17.83
N PHE E 163 -4.53 22.22 18.18
CA PHE E 163 -4.57 21.34 19.35
C PHE E 163 -3.64 20.14 19.17
N HIS E 164 -3.66 19.52 18.00
CA HIS E 164 -2.83 18.32 17.85
C HIS E 164 -1.34 18.70 17.76
N LEU E 165 -1.02 19.90 17.24
CA LEU E 165 0.34 20.42 17.33
C LEU E 165 0.75 20.66 18.80
N SER E 166 -0.16 21.29 19.55
CA SER E 166 0.08 21.56 20.99
C SER E 166 0.39 20.24 21.72
N HIS E 167 -0.28 19.14 21.35
CA HIS E 167 0.03 17.87 22.00
C HIS E 167 1.36 17.30 21.50
N PHE E 168 1.70 17.54 20.24
CA PHE E 168 2.99 17.06 19.74
C PHE E 168 4.16 17.71 20.47
N LEU E 169 3.99 18.94 20.96
CA LEU E 169 5.11 19.65 21.57
C LEU E 169 5.16 19.57 23.09
N ALA E 170 4.29 18.77 23.72
CA ALA E 170 4.26 18.73 25.18
C ALA E 170 5.46 18.00 25.75
N HIS E 171 5.82 18.34 26.99
CA HIS E 171 6.93 17.72 27.70
C HIS E 171 6.41 16.51 28.46
N ASP E 172 6.41 15.35 27.82
CA ASP E 172 6.00 14.13 28.48
C ASP E 172 6.64 12.92 27.82
N SER E 173 7.04 11.96 28.65
CA SER E 173 7.66 10.71 28.20
C SER E 173 8.85 10.95 27.27
N ASN F 17 -37.04 -17.73 32.03
CA ASN F 17 -35.90 -17.90 31.13
C ASN F 17 -36.31 -18.66 29.87
N PRO F 18 -35.91 -18.14 28.70
CA PRO F 18 -36.42 -18.69 27.43
C PRO F 18 -35.45 -19.59 26.68
N ILE F 19 -34.48 -20.20 27.37
CA ILE F 19 -33.56 -21.13 26.73
C ILE F 19 -33.45 -22.46 27.45
N GLY F 20 -34.16 -22.64 28.56
CA GLY F 20 -34.20 -23.92 29.25
C GLY F 20 -33.17 -24.10 30.34
N LEU F 21 -32.54 -23.03 30.80
CA LEU F 21 -31.63 -23.08 31.93
C LEU F 21 -32.35 -22.84 33.24
N GLU F 22 -32.00 -23.60 34.25
CA GLU F 22 -32.66 -23.48 35.53
C GLU F 22 -32.32 -22.14 36.18
N MET F 23 -33.32 -21.55 36.86
CA MET F 23 -33.12 -20.29 37.57
C MET F 23 -31.80 -20.26 38.33
N ASN F 24 -31.49 -21.35 39.03
CA ASN F 24 -30.25 -21.63 39.72
C ASN F 24 -29.02 -21.00 39.10
N VAL F 25 -28.81 -21.31 37.83
CA VAL F 25 -27.59 -20.90 37.16
C VAL F 25 -27.73 -19.53 36.52
N THR F 26 -28.94 -19.16 36.10
CA THR F 26 -29.14 -17.85 35.47
C THR F 26 -28.85 -16.72 36.45
N THR F 27 -29.35 -16.84 37.68
CA THR F 27 -29.03 -15.81 38.66
C THR F 27 -27.51 -15.73 38.87
N ALA F 28 -26.85 -16.89 39.01
CA ALA F 28 -25.43 -16.91 39.32
C ALA F 28 -24.59 -16.32 38.21
N VAL F 29 -25.01 -16.48 36.96
CA VAL F 29 -24.22 -15.92 35.86
C VAL F 29 -24.54 -14.45 35.65
N CYS F 30 -25.80 -14.03 35.80
CA CYS F 30 -26.12 -12.61 35.70
C CYS F 30 -25.40 -11.82 36.79
N GLU F 31 -25.23 -12.44 37.97
CA GLU F 31 -24.44 -11.86 39.05
C GLU F 31 -23.08 -11.38 38.53
N GLY F 32 -22.29 -12.32 37.98
CA GLY F 32 -20.97 -11.95 37.49
C GLY F 32 -21.01 -11.09 36.24
N PHE F 33 -22.07 -11.23 35.44
CA PHE F 33 -22.21 -10.38 34.27
C PHE F 33 -22.28 -8.91 34.66
N ASN F 34 -22.96 -8.61 35.76
CA ASN F 34 -23.02 -7.21 36.18
C ASN F 34 -21.69 -6.74 36.75
N ILE F 35 -20.94 -7.61 37.43
CA ILE F 35 -19.60 -7.24 37.90
C ILE F 35 -18.72 -6.87 36.72
N VAL F 36 -18.62 -7.77 35.74
CA VAL F 36 -17.77 -7.52 34.58
C VAL F 36 -18.29 -6.35 33.75
N LEU F 37 -19.61 -6.13 33.73
CA LEU F 37 -20.17 -5.02 32.97
C LEU F 37 -19.81 -3.69 33.61
N ALA F 38 -19.95 -3.57 34.93
CA ALA F 38 -19.54 -2.35 35.60
C ALA F 38 -18.06 -2.09 35.44
N SER F 39 -17.24 -3.14 35.59
CA SER F 39 -15.79 -2.98 35.42
C SER F 39 -15.46 -2.54 33.99
N PHE F 40 -16.11 -3.15 33.00
CA PHE F 40 -15.84 -2.81 31.61
C PHE F 40 -16.33 -1.41 31.28
N GLN F 41 -17.42 -0.96 31.90
CA GLN F 41 -17.89 0.42 31.69
C GLN F 41 -16.90 1.42 32.26
N ALA F 42 -16.42 1.17 33.47
CA ALA F 42 -15.37 2.03 34.04
C ALA F 42 -14.15 2.06 33.13
N LEU F 43 -13.73 0.88 32.67
CA LEU F 43 -12.59 0.79 31.76
C LEU F 43 -12.83 1.60 30.48
N TYR F 44 -14.05 1.50 29.93
CA TYR F 44 -14.36 2.22 28.70
C TYR F 44 -14.28 3.72 28.89
N LEU F 45 -14.92 4.23 29.94
CA LEU F 45 -14.89 5.68 30.15
C LEU F 45 -13.49 6.17 30.51
N GLN F 46 -12.69 5.35 31.17
CA GLN F 46 -11.33 5.77 31.49
C GLN F 46 -10.44 5.78 30.25
N TYR F 47 -10.58 4.77 29.39
CA TYR F 47 -9.89 4.79 28.10
C TYR F 47 -10.32 6.00 27.27
N GLN F 48 -11.58 6.39 27.39
CA GLN F 48 -12.06 7.59 26.70
C GLN F 48 -11.36 8.83 27.23
N LYS F 49 -11.30 8.97 28.55
CA LYS F 49 -10.59 10.10 29.15
C LYS F 49 -9.12 10.14 28.70
N HIS F 50 -8.48 8.97 28.66
CA HIS F 50 -7.10 8.91 28.19
C HIS F 50 -7.00 9.37 26.74
N HIS F 51 -7.84 8.81 25.87
CA HIS F 51 -7.90 9.26 24.48
C HIS F 51 -8.05 10.78 24.41
N PHE F 52 -8.78 11.37 25.35
CA PHE F 52 -8.94 12.82 25.36
C PHE F 52 -7.65 13.53 25.71
N VAL F 53 -7.00 13.15 26.80
CA VAL F 53 -6.07 14.04 27.50
C VAL F 53 -4.61 13.71 27.26
N VAL F 54 -4.28 12.71 26.46
CA VAL F 54 -2.87 12.35 26.28
C VAL F 54 -2.15 13.42 25.47
N GLU F 55 -0.94 13.76 25.92
CA GLU F 55 -0.05 14.66 25.19
C GLU F 55 1.38 14.18 25.38
N GLY F 56 2.30 14.81 24.64
CA GLY F 56 3.69 14.43 24.72
C GLY F 56 4.26 14.04 23.36
N SER F 57 5.41 13.37 23.37
CA SER F 57 6.09 13.06 22.12
C SER F 57 5.45 11.87 21.41
N GLU F 58 5.05 10.84 22.15
CA GLU F 58 4.40 9.67 21.58
C GLU F 58 2.88 9.77 21.58
N PHE F 59 2.34 10.96 21.89
CA PHE F 59 0.91 11.09 22.17
C PHE F 59 0.06 10.45 21.09
N TYR F 60 0.41 10.69 19.82
CA TYR F 60 -0.40 10.18 18.71
C TYR F 60 -0.63 8.68 18.85
N GLN F 61 0.44 7.92 19.08
CA GLN F 61 0.32 6.50 19.34
C GLN F 61 -0.78 6.26 20.37
N LEU F 62 -0.55 6.76 21.58
CA LEU F 62 -1.56 6.62 22.63
C LEU F 62 -2.90 7.20 22.17
N HIS F 63 -2.88 8.38 21.51
CA HIS F 63 -4.11 9.00 21.02
C HIS F 63 -4.95 7.98 20.27
N GLU F 64 -4.33 7.19 19.39
CA GLU F 64 -5.13 6.21 18.66
C GLU F 64 -5.40 4.98 19.51
N PHE F 65 -4.39 4.51 20.24
CA PHE F 65 -4.54 3.24 20.97
C PHE F 65 -5.72 3.30 21.93
N PHE F 66 -5.77 4.33 22.76
CA PHE F 66 -6.90 4.48 23.67
C PHE F 66 -8.22 4.45 22.90
N SER F 67 -8.30 5.18 21.78
CA SER F 67 -9.54 5.17 21.02
C SER F 67 -9.84 3.79 20.45
N GLU F 68 -8.81 3.02 20.08
CA GLU F 68 -9.08 1.67 19.61
C GLU F 68 -9.43 0.73 20.75
N SER F 69 -9.04 1.07 21.99
CA SER F 69 -9.29 0.17 23.11
C SER F 69 -10.69 0.37 23.70
N TYR F 70 -11.11 1.63 23.87
CA TYR F 70 -12.44 1.84 24.43
C TYR F 70 -13.52 1.38 23.46
N ASP F 71 -13.38 1.71 22.17
CA ASP F 71 -14.27 1.13 21.17
C ASP F 71 -14.28 -0.39 21.27
N GLU F 72 -13.16 -0.99 21.66
CA GLU F 72 -13.13 -2.43 21.88
C GLU F 72 -13.93 -2.80 23.12
N VAL F 73 -13.63 -2.18 24.26
CA VAL F 73 -14.17 -2.67 25.53
C VAL F 73 -15.68 -2.50 25.57
N GLN F 74 -16.18 -1.38 25.03
CA GLN F 74 -17.62 -1.18 24.99
C GLN F 74 -18.31 -2.30 24.23
N GLY F 75 -17.67 -2.82 23.17
CA GLY F 75 -18.17 -4.00 22.50
C GLY F 75 -18.51 -5.07 23.52
N HIS F 76 -17.49 -5.47 24.30
CA HIS F 76 -17.70 -6.35 25.44
C HIS F 76 -18.99 -5.99 26.16
N VAL F 77 -19.02 -4.75 26.68
CA VAL F 77 -20.18 -4.28 27.44
C VAL F 77 -21.46 -4.68 26.73
N HIS F 78 -21.64 -4.19 25.49
CA HIS F 78 -22.91 -4.37 24.82
C HIS F 78 -23.35 -5.82 24.83
N GLU F 79 -22.48 -6.74 24.44
CA GLU F 79 -22.94 -8.10 24.27
C GLU F 79 -23.20 -8.76 25.62
N ILE F 80 -22.34 -8.47 26.62
CA ILE F 80 -22.67 -8.84 27.98
C ILE F 80 -24.09 -8.36 28.26
N GLY F 81 -24.29 -7.04 28.17
CA GLY F 81 -25.61 -6.43 28.42
C GLY F 81 -26.70 -7.09 27.60
N GLU F 82 -26.47 -7.31 26.31
CA GLU F 82 -27.50 -7.93 25.42
C GLU F 82 -27.81 -9.35 25.90
N ARG F 83 -26.79 -10.12 26.32
CA ARG F 83 -27.04 -11.47 26.81
C ARG F 83 -27.44 -11.47 28.27
N LEU F 84 -27.01 -10.47 29.04
CA LEU F 84 -27.44 -10.35 30.42
C LEU F 84 -28.96 -10.27 30.50
N ASN F 85 -29.53 -9.23 29.89
CA ASN F 85 -30.98 -9.13 29.74
C ASN F 85 -31.56 -10.41 29.14
N GLY F 86 -30.78 -11.09 28.30
CA GLY F 86 -31.28 -12.32 27.71
C GLY F 86 -31.56 -13.40 28.74
N LEU F 87 -30.68 -13.55 29.72
CA LEU F 87 -30.84 -14.61 30.69
C LEU F 87 -31.92 -14.31 31.73
N GLY F 88 -32.50 -13.12 31.71
CA GLY F 88 -33.58 -12.77 32.62
C GLY F 88 -33.23 -11.77 33.70
N GLY F 89 -31.98 -11.31 33.76
CA GLY F 89 -31.59 -10.30 34.71
C GLY F 89 -31.79 -8.89 34.18
N VAL F 90 -31.26 -7.93 34.93
CA VAL F 90 -31.30 -6.52 34.54
C VAL F 90 -29.90 -5.99 34.59
N PRO F 91 -29.37 -5.43 33.49
CA PRO F 91 -27.98 -4.94 33.49
C PRO F 91 -27.86 -3.64 34.29
N VAL F 92 -26.65 -3.40 34.79
CA VAL F 92 -26.39 -2.25 35.63
C VAL F 92 -26.44 -0.95 34.82
N LYS F 97 -24.33 2.39 41.26
CA LYS F 97 -23.78 1.11 41.66
C LYS F 97 -22.67 0.65 40.72
N LEU F 98 -22.62 1.27 39.53
CA LEU F 98 -21.54 1.04 38.52
C LEU F 98 -20.22 1.23 39.27
N ALA F 99 -20.23 2.15 40.24
CA ALA F 99 -19.11 2.34 41.16
C ALA F 99 -19.01 1.22 42.19
N GLU F 100 -20.14 0.69 42.65
CA GLU F 100 -20.11 -0.36 43.67
C GLU F 100 -19.51 -1.64 43.11
N LEU F 101 -20.09 -2.17 42.04
CA LEU F 101 -19.76 -3.51 41.54
C LEU F 101 -18.49 -3.58 40.70
N CYS F 102 -17.82 -2.46 40.46
CA CYS F 102 -16.61 -2.49 39.65
C CYS F 102 -15.46 -3.12 40.43
N CYS F 103 -14.74 -4.04 39.78
CA CYS F 103 -13.76 -4.87 40.47
C CYS F 103 -12.44 -4.16 40.74
N PHE F 104 -12.11 -3.14 39.96
CA PHE F 104 -10.82 -2.45 40.08
C PHE F 104 -11.04 -1.03 40.58
N THR F 105 -9.93 -0.32 40.83
CA THR F 105 -10.00 1.04 41.34
C THR F 105 -10.00 2.04 40.17
N PRO F 106 -11.02 2.88 40.05
CA PRO F 106 -11.05 3.84 38.94
C PRO F 106 -9.97 4.90 39.08
N GLU F 107 -9.73 5.60 37.96
CA GLU F 107 -8.68 6.61 37.93
C GLU F 107 -9.09 7.83 38.76
N PRO F 108 -8.18 8.38 39.56
CA PRO F 108 -8.44 9.66 40.21
C PRO F 108 -8.46 10.80 39.19
N ASP F 109 -8.82 11.98 39.68
CA ASP F 109 -9.06 13.11 38.79
C ASP F 109 -7.78 13.86 38.45
N GLY F 110 -7.81 14.51 37.28
CA GLY F 110 -6.65 15.15 36.70
C GLY F 110 -5.99 14.27 35.66
N VAL F 111 -5.11 14.90 34.89
CA VAL F 111 -4.37 14.21 33.85
C VAL F 111 -3.03 13.76 34.46
N PHE F 112 -2.76 12.47 34.37
CA PHE F 112 -1.57 11.89 34.95
C PHE F 112 -0.48 11.80 33.89
N SER F 113 0.67 11.23 34.28
CA SER F 113 1.65 10.81 33.29
C SER F 113 0.96 9.94 32.25
N CYS F 114 1.42 10.04 31.01
CA CYS F 114 0.98 9.07 30.01
C CYS F 114 1.38 7.65 30.43
N ARG F 115 2.55 7.53 31.07
CA ARG F 115 3.03 6.23 31.55
C ARG F 115 2.10 5.68 32.63
N ALA F 116 1.72 6.51 33.58
CA ALA F 116 0.78 6.06 34.61
C ALA F 116 -0.62 5.87 34.03
N MET F 117 -0.99 6.63 32.99
CA MET F 117 -2.23 6.33 32.28
C MET F 117 -2.25 4.88 31.82
N VAL F 118 -1.20 4.47 31.09
CA VAL F 118 -1.20 3.10 30.61
C VAL F 118 -0.94 2.09 31.73
N GLU F 119 -0.28 2.49 32.83
CA GLU F 119 -0.14 1.58 33.97
C GLU F 119 -1.48 1.30 34.64
N HIS F 120 -2.26 2.36 34.88
CA HIS F 120 -3.60 2.21 35.42
C HIS F 120 -4.45 1.32 34.50
N ASP F 121 -4.41 1.59 33.19
CA ASP F 121 -5.16 0.77 32.24
C ASP F 121 -4.73 -0.69 32.31
N LEU F 122 -3.41 -0.92 32.37
CA LEU F 122 -2.87 -2.27 32.49
C LEU F 122 -3.50 -3.02 33.66
N SER F 123 -3.41 -2.44 34.87
CA SER F 123 -3.89 -3.16 36.05
C SER F 123 -5.41 -3.33 36.03
N ALA F 124 -6.13 -2.32 35.53
CA ALA F 124 -7.58 -2.47 35.39
C ALA F 124 -7.93 -3.69 34.54
N GLU F 125 -7.30 -3.80 33.36
CA GLU F 125 -7.58 -4.95 32.51
C GLU F 125 -7.14 -6.25 33.17
N GLN F 126 -6.04 -6.24 33.92
CA GLN F 126 -5.62 -7.47 34.59
C GLN F 126 -6.70 -7.98 35.54
N GLU F 127 -7.23 -7.10 36.38
CA GLU F 127 -8.20 -7.55 37.37
C GLU F 127 -9.51 -7.97 36.73
N ILE F 128 -9.93 -7.26 35.67
CA ILE F 128 -11.13 -7.73 34.98
C ILE F 128 -10.86 -9.08 34.30
N ILE F 129 -9.64 -9.30 33.81
CA ILE F 129 -9.26 -10.63 33.32
C ILE F 129 -9.52 -11.69 34.37
N LYS F 130 -9.08 -11.43 35.60
CA LYS F 130 -9.22 -12.42 36.67
C LYS F 130 -10.69 -12.75 36.94
N VAL F 131 -11.52 -11.72 37.10
CA VAL F 131 -12.92 -12.03 37.41
C VAL F 131 -13.62 -12.69 36.22
N ILE F 132 -13.22 -12.34 34.98
CA ILE F 132 -13.78 -13.02 33.82
C ILE F 132 -13.44 -14.51 33.86
N ARG F 133 -12.20 -14.83 34.24
CA ARG F 133 -11.79 -16.23 34.33
C ARG F 133 -12.64 -16.98 35.37
N ARG F 134 -12.84 -16.37 36.54
CA ARG F 134 -13.63 -17.03 37.57
C ARG F 134 -15.08 -17.24 37.11
N GLN F 135 -15.64 -16.24 36.41
CA GLN F 135 -17.02 -16.38 35.93
C GLN F 135 -17.13 -17.45 34.86
N ALA F 136 -16.11 -17.57 34.00
CA ALA F 136 -16.10 -18.65 33.02
C ALA F 136 -16.05 -20.01 33.70
N GLY F 137 -15.24 -20.14 34.75
CA GLY F 137 -15.22 -21.37 35.52
C GLY F 137 -16.57 -21.71 36.11
N GLN F 138 -17.25 -20.70 36.68
CA GLN F 138 -18.58 -20.95 37.25
C GLN F 138 -19.57 -21.38 36.18
N ALA F 139 -19.58 -20.68 35.04
CA ALA F 139 -20.50 -21.02 33.97
C ALA F 139 -20.24 -22.43 33.45
N GLU F 140 -18.98 -22.84 33.39
CA GLU F 140 -18.66 -24.20 32.97
C GLU F 140 -19.11 -25.22 34.00
N SER F 141 -18.95 -24.90 35.29
CA SER F 141 -19.30 -25.86 36.33
C SER F 141 -20.76 -26.29 36.22
N LEU F 142 -21.66 -25.34 35.99
CA LEU F 142 -23.10 -25.57 36.08
C LEU F 142 -23.76 -25.83 34.73
N GLY F 143 -22.98 -25.99 33.66
CA GLY F 143 -23.51 -26.52 32.42
C GLY F 143 -24.04 -25.53 31.42
N ASP F 144 -23.84 -24.22 31.61
CA ASP F 144 -24.18 -23.25 30.57
C ASP F 144 -22.92 -22.96 29.76
N ARG F 145 -22.85 -23.51 28.56
CA ARG F 145 -21.65 -23.42 27.74
C ARG F 145 -21.44 -22.02 27.20
N ALA F 146 -22.48 -21.44 26.58
CA ALA F 146 -22.30 -20.24 25.78
C ALA F 146 -21.71 -19.10 26.60
N THR F 147 -22.08 -19.01 27.89
CA THR F 147 -21.51 -17.96 28.72
C THR F 147 -20.02 -18.18 28.96
N ARG F 148 -19.64 -19.39 29.38
CA ARG F 148 -18.24 -19.74 29.50
C ARG F 148 -17.48 -19.39 28.23
N HIS F 149 -18.07 -19.75 27.09
CA HIS F 149 -17.45 -19.53 25.75
C HIS F 149 -17.26 -18.03 25.49
N LEU F 150 -18.28 -17.24 25.75
CA LEU F 150 -18.21 -15.81 25.48
C LEU F 150 -17.20 -15.15 26.41
N TYR F 151 -17.14 -15.60 27.66
CA TYR F 151 -16.11 -15.14 28.58
C TYR F 151 -14.73 -15.42 28.00
N GLU F 152 -14.53 -16.61 27.42
CA GLU F 152 -13.25 -16.91 26.78
C GLU F 152 -12.98 -15.99 25.58
N LYS F 153 -14.04 -15.74 24.80
CA LYS F 153 -13.95 -14.86 23.59
C LYS F 153 -13.39 -13.50 24.02
N ILE F 154 -13.96 -12.92 25.09
CA ILE F 154 -13.49 -11.62 25.58
C ILE F 154 -12.13 -11.74 26.24
N LEU F 155 -11.86 -12.88 26.87
CA LEU F 155 -10.62 -13.06 27.61
C LEU F 155 -9.42 -12.98 26.68
N LEU F 156 -9.51 -13.61 25.52
CA LEU F 156 -8.37 -13.58 24.58
C LEU F 156 -8.02 -12.15 24.19
N GLU F 157 -9.03 -11.36 23.78
CA GLU F 157 -8.77 -10.00 23.33
C GLU F 157 -8.31 -9.10 24.48
N SER F 158 -8.83 -9.30 25.69
CA SER F 158 -8.38 -8.47 26.79
C SER F 158 -6.95 -8.81 27.21
N GLU F 159 -6.59 -10.09 27.17
CA GLU F 159 -5.20 -10.48 27.35
C GLU F 159 -4.31 -9.82 26.30
N ASP F 160 -4.79 -9.78 25.05
CA ASP F 160 -4.04 -9.12 23.98
C ASP F 160 -3.83 -7.64 24.28
N ARG F 161 -4.86 -6.97 24.79
CA ARG F 161 -4.74 -5.56 25.13
C ARG F 161 -3.73 -5.36 26.27
N ALA F 162 -3.73 -6.26 27.24
CA ALA F 162 -2.72 -6.21 28.30
C ALA F 162 -1.32 -6.35 27.72
N PHE F 163 -1.15 -7.29 26.77
CA PHE F 163 0.12 -7.42 26.06
C PHE F 163 0.56 -6.09 25.48
N HIS F 164 -0.35 -5.43 24.75
CA HIS F 164 0.02 -4.19 24.06
C HIS F 164 0.34 -3.07 25.04
N LEU F 165 -0.37 -3.01 26.17
CA LEU F 165 -0.05 -1.97 27.15
C LEU F 165 1.33 -2.19 27.77
N SER F 166 1.63 -3.43 28.17
CA SER F 166 2.95 -3.71 28.71
C SER F 166 4.02 -3.44 27.67
N HIS F 167 3.73 -3.69 26.40
CA HIS F 167 4.65 -3.31 25.34
C HIS F 167 4.87 -1.80 25.32
N PHE F 168 3.80 -1.03 25.53
CA PHE F 168 3.94 0.41 25.67
C PHE F 168 4.84 0.78 26.84
N LEU F 169 4.81 -0.01 27.92
CA LEU F 169 5.54 0.30 29.13
C LEU F 169 6.97 -0.22 29.15
N ALA F 170 7.43 -0.86 28.08
CA ALA F 170 8.77 -1.44 28.10
C ALA F 170 9.84 -0.35 28.09
N HIS F 171 10.97 -0.64 28.73
CA HIS F 171 12.08 0.30 28.85
C HIS F 171 12.99 0.15 27.62
N ASP F 172 12.57 0.76 26.52
CA ASP F 172 13.31 0.72 25.28
C ASP F 172 12.87 1.86 24.37
N SER F 173 13.80 2.34 23.55
CA SER F 173 13.52 3.37 22.55
C SER F 173 14.68 3.49 21.56
ZN ZN G . -1.12 -17.40 -11.50
ZN ZN H . -20.08 -15.36 -19.39
FE FE I . -2.29 -10.75 -41.71
FE FE J . -5.37 12.76 -33.06
ZN ZN K . -8.93 9.72 -22.51
ZN ZN L . -0.24 -8.02 14.64
FE FE M . 12.24 -31.55 12.75
FE FE N . 7.52 -9.65 25.26
ZN ZN O . 0.09 -15.90 -7.62
ZN ZN P . -0.33 -5.96 17.70
FE FE Q . 24.24 -17.54 2.62
FE FE R . 7.51 -23.76 -15.03
ZN ZN S . 6.20 8.07 3.63
ZN ZN T . 4.63 9.83 1.25
ZN ZN U . -17.25 23.03 -8.68
FE FE V . 12.53 30.13 -14.07
FE FE W . 16.54 12.97 4.48
ZN ZN X . -14.33 23.02 -7.08
ZN ZN Y . -7.41 13.91 18.11
FE FE Z . 3.54 38.75 3.31
FE FE AA . -16.51 34.48 -12.09
ZN ZN BA . -27.69 -4.95 20.38
FE FE CA . -16.40 -1.25 44.05
FE FE DA . -35.73 -9.36 29.72
#